data_1UDD
#
_entry.id   1UDD
#
_cell.length_a   116.8
_cell.length_b   116.8
_cell.length_c   70.97
_cell.angle_alpha   90
_cell.angle_beta   90
_cell.angle_gamma   120
#
_symmetry.space_group_name_H-M   'P 32'
#
loop_
_entity.id
_entity.type
_entity.pdbx_description
1 polymer 'transcriptional regulator'
2 water water
#
_entity_poly.entity_id   1
_entity_poly.type   'polypeptide(L)'
_entity_poly.pdbx_seq_one_letter_code
;MRVMITDKLRRDSEQIWKKIFEHPFVVQLYSGTLPLEKFKFYVLQDFNYLVGLTRALAVISSKAEYPLMAELIELARDEV
TVEVENYVKLLKELDLTLEDAIKTEPTLVNSAYMDFMLATAYKGNIIEGLTALLPCFWSYAEIAEYHKDKLRDNPIKIYR
EWGKVYLSNEYLNLVGRLRKIIDSSGHSGYDRLRRIFITGSKFELAFWEMAWRGGDVFLEHHHHHH
;
_entity_poly.pdbx_strand_id   A,B,C,D
#
# COMPACT_ATOMS: atom_id res chain seq x y z
N MET A 1 -3.16 -21.29 -32.20
CA MET A 1 -3.75 -22.25 -31.22
C MET A 1 -3.26 -21.89 -29.83
N ARG A 2 -2.83 -20.63 -29.70
CA ARG A 2 -2.37 -20.05 -28.44
C ARG A 2 -1.16 -20.64 -27.71
N VAL A 3 -0.13 -19.82 -27.58
CA VAL A 3 1.08 -20.21 -26.85
C VAL A 3 0.82 -19.67 -25.44
N MET A 4 1.72 -19.91 -24.49
CA MET A 4 1.50 -19.43 -23.13
C MET A 4 1.75 -17.92 -22.96
N ILE A 5 1.30 -17.37 -21.84
CA ILE A 5 1.50 -15.97 -21.53
C ILE A 5 3.01 -15.62 -21.54
N THR A 6 3.82 -16.41 -20.82
CA THR A 6 5.26 -16.13 -20.80
C THR A 6 5.92 -16.33 -22.18
N ASP A 7 5.31 -17.15 -23.02
CA ASP A 7 5.83 -17.36 -24.38
C ASP A 7 5.68 -16.00 -25.09
N LYS A 8 4.50 -15.41 -24.97
CA LYS A 8 4.21 -14.11 -25.57
C LYS A 8 5.10 -13.01 -25.03
N LEU A 9 5.38 -13.03 -23.73
CA LEU A 9 6.21 -12.01 -23.12
C LEU A 9 7.62 -12.06 -23.71
N ARG A 10 8.13 -13.28 -23.88
CA ARG A 10 9.46 -13.47 -24.46
C ARG A 10 9.36 -13.02 -25.94
N ARG A 11 8.33 -13.51 -26.63
CA ARG A 11 8.11 -13.15 -28.02
C ARG A 11 8.12 -11.62 -28.21
N ASP A 12 7.27 -10.93 -27.46
CA ASP A 12 7.15 -9.47 -27.56
C ASP A 12 8.31 -8.62 -27.10
N SER A 13 9.35 -9.22 -26.50
CA SER A 13 10.47 -8.42 -26.05
C SER A 13 11.79 -8.89 -26.63
N GLU A 14 11.71 -9.68 -27.71
CA GLU A 14 12.90 -10.25 -28.36
C GLU A 14 14.00 -9.26 -28.71
N GLN A 15 13.61 -8.11 -29.26
CA GLN A 15 14.63 -7.17 -29.65
C GLN A 15 15.41 -6.56 -28.49
N ILE A 16 14.75 -6.26 -27.38
CA ILE A 16 15.54 -5.69 -26.31
C ILE A 16 16.34 -6.77 -25.57
N TRP A 17 15.84 -8.01 -25.52
CA TRP A 17 16.61 -9.07 -24.87
C TRP A 17 17.88 -9.35 -25.66
N LYS A 18 17.80 -9.22 -26.99
CA LYS A 18 18.96 -9.41 -27.83
C LYS A 18 20.01 -8.36 -27.45
N LYS A 19 19.59 -7.11 -27.27
CA LYS A 19 20.53 -6.05 -26.88
C LYS A 19 21.10 -6.36 -25.50
N ILE A 20 20.32 -7.03 -24.66
CA ILE A 20 20.81 -7.40 -23.33
C ILE A 20 21.87 -8.51 -23.49
N PHE A 21 21.57 -9.50 -24.31
CA PHE A 21 22.53 -10.59 -24.48
C PHE A 21 23.85 -10.09 -25.08
N GLU A 22 23.77 -9.06 -25.92
CA GLU A 22 24.93 -8.53 -26.59
C GLU A 22 25.55 -7.29 -25.96
N HIS A 23 25.03 -6.87 -24.81
CA HIS A 23 25.58 -5.69 -24.15
C HIS A 23 27.03 -5.94 -23.75
N PRO A 24 27.92 -4.98 -24.05
CA PRO A 24 29.34 -5.08 -23.73
C PRO A 24 29.62 -5.56 -22.31
N PHE A 25 28.96 -4.95 -21.34
CA PHE A 25 29.16 -5.35 -19.95
C PHE A 25 28.86 -6.83 -19.76
N VAL A 26 27.72 -7.27 -20.29
CA VAL A 26 27.33 -8.67 -20.18
C VAL A 26 28.32 -9.56 -20.94
N VAL A 27 28.55 -9.25 -22.21
CA VAL A 27 29.47 -10.03 -23.03
C VAL A 27 30.86 -10.10 -22.39
N GLN A 28 31.35 -8.97 -21.92
CA GLN A 28 32.68 -8.96 -21.32
C GLN A 28 32.76 -9.66 -19.96
N LEU A 29 31.66 -9.62 -19.22
CA LEU A 29 31.65 -10.26 -17.91
C LEU A 29 31.74 -11.76 -18.10
N TYR A 30 30.98 -12.29 -19.07
CA TYR A 30 30.97 -13.72 -19.32
C TYR A 30 32.20 -14.23 -20.07
N SER A 31 32.81 -13.39 -20.89
CA SER A 31 34.00 -13.83 -21.61
C SER A 31 35.19 -13.78 -20.67
N GLY A 32 35.17 -12.84 -19.73
CA GLY A 32 36.25 -12.71 -18.76
C GLY A 32 37.08 -11.48 -19.05
N THR A 33 36.62 -10.69 -20.01
CA THR A 33 37.30 -9.48 -20.45
C THR A 33 36.94 -8.22 -19.65
N LEU A 34 35.82 -8.25 -18.95
CA LEU A 34 35.40 -7.08 -18.18
C LEU A 34 36.47 -6.62 -17.20
N PRO A 35 36.75 -5.31 -17.16
CA PRO A 35 37.76 -4.78 -16.24
C PRO A 35 37.20 -4.90 -14.82
N LEU A 36 37.92 -5.60 -13.95
CA LEU A 36 37.51 -5.83 -12.58
C LEU A 36 36.93 -4.61 -11.88
N GLU A 37 37.30 -3.42 -12.34
CA GLU A 37 36.79 -2.20 -11.74
C GLU A 37 35.33 -1.97 -12.05
N LYS A 38 34.93 -2.34 -13.26
CA LYS A 38 33.54 -2.19 -13.69
C LYS A 38 32.65 -3.18 -12.97
N PHE A 39 33.19 -4.35 -12.67
CA PHE A 39 32.42 -5.38 -11.98
C PHE A 39 32.12 -4.90 -10.56
N LYS A 40 33.12 -4.30 -9.92
CA LYS A 40 32.94 -3.81 -8.56
C LYS A 40 31.86 -2.73 -8.53
N PHE A 41 31.84 -1.84 -9.51
CA PHE A 41 30.83 -0.78 -9.54
C PHE A 41 29.44 -1.42 -9.63
N TYR A 42 29.34 -2.45 -10.46
CA TYR A 42 28.10 -3.19 -10.65
C TYR A 42 27.69 -3.90 -9.36
N VAL A 43 28.59 -4.71 -8.80
CA VAL A 43 28.28 -5.42 -7.58
C VAL A 43 27.79 -4.43 -6.52
N LEU A 44 28.49 -3.32 -6.40
CA LEU A 44 28.12 -2.29 -5.43
C LEU A 44 26.68 -1.83 -5.63
N GLN A 45 26.30 -1.58 -6.87
CA GLN A 45 24.94 -1.15 -7.18
C GLN A 45 23.92 -2.26 -6.89
N ASP A 46 24.40 -3.49 -6.70
CA ASP A 46 23.51 -4.61 -6.43
C ASP A 46 22.84 -4.62 -5.06
N PHE A 47 23.40 -3.91 -4.08
CA PHE A 47 22.76 -3.90 -2.77
C PHE A 47 21.34 -3.36 -2.87
N ASN A 48 21.23 -2.17 -3.48
CA ASN A 48 19.94 -1.54 -3.64
C ASN A 48 18.97 -2.42 -4.42
N TYR A 49 19.51 -3.24 -5.32
CA TYR A 49 18.73 -4.15 -6.13
C TYR A 49 18.23 -5.27 -5.22
N LEU A 50 19.12 -5.77 -4.39
CA LEU A 50 18.83 -6.84 -3.44
C LEU A 50 17.71 -6.41 -2.49
N VAL A 51 17.85 -5.21 -1.95
CA VAL A 51 16.83 -4.68 -1.04
C VAL A 51 15.52 -4.42 -1.81
N GLY A 52 15.61 -3.78 -2.98
CA GLY A 52 14.43 -3.47 -3.76
C GLY A 52 13.63 -4.70 -4.19
N LEU A 53 14.33 -5.75 -4.59
CA LEU A 53 13.66 -6.99 -5.00
C LEU A 53 12.91 -7.52 -3.78
N THR A 54 13.54 -7.40 -2.62
CA THR A 54 12.92 -7.86 -1.37
C THR A 54 11.65 -7.07 -1.02
N ARG A 55 11.70 -5.75 -1.15
CA ARG A 55 10.54 -4.92 -0.84
C ARG A 55 9.36 -5.27 -1.73
N ALA A 56 9.63 -5.44 -3.03
CA ALA A 56 8.54 -5.74 -3.95
C ALA A 56 7.95 -7.12 -3.64
N LEU A 57 8.81 -8.09 -3.32
CA LEU A 57 8.31 -9.42 -3.00
C LEU A 57 7.45 -9.38 -1.75
N ALA A 58 7.84 -8.55 -0.77
CA ALA A 58 7.07 -8.46 0.46
C ALA A 58 5.67 -7.92 0.15
N VAL A 59 5.57 -6.86 -0.64
CA VAL A 59 4.25 -6.31 -0.98
C VAL A 59 3.41 -7.36 -1.73
N ILE A 60 3.98 -8.01 -2.74
CA ILE A 60 3.23 -9.03 -3.46
C ILE A 60 2.74 -10.10 -2.46
N SER A 61 3.63 -10.53 -1.58
CA SER A 61 3.23 -11.56 -0.61
C SER A 61 2.12 -11.06 0.32
N SER A 62 2.18 -9.80 0.71
CA SER A 62 1.18 -9.25 1.61
C SER A 62 -0.24 -9.28 1.03
N LYS A 63 -0.33 -9.41 -0.29
CA LYS A 63 -1.61 -9.40 -0.99
C LYS A 63 -2.05 -10.75 -1.53
N ALA A 64 -1.11 -11.68 -1.57
CA ALA A 64 -1.37 -13.00 -2.09
C ALA A 64 -2.19 -13.87 -1.15
N GLU A 65 -2.77 -14.91 -1.73
CA GLU A 65 -3.54 -15.88 -0.96
C GLU A 65 -2.54 -16.94 -0.47
N TYR A 66 -2.92 -17.64 0.58
CA TYR A 66 -2.07 -18.70 1.10
C TYR A 66 -2.40 -19.91 0.20
N PRO A 67 -1.43 -20.78 -0.08
CA PRO A 67 -0.01 -20.83 0.30
C PRO A 67 0.96 -20.02 -0.56
N LEU A 68 0.48 -19.41 -1.64
CA LEU A 68 1.38 -18.64 -2.49
C LEU A 68 2.09 -17.55 -1.69
N MET A 69 1.37 -16.96 -0.75
CA MET A 69 1.94 -15.91 0.10
C MET A 69 3.17 -16.44 0.85
N ALA A 70 3.08 -17.68 1.33
CA ALA A 70 4.19 -18.27 2.07
C ALA A 70 5.38 -18.52 1.13
N GLU A 71 5.08 -18.99 -0.08
CA GLU A 71 6.10 -19.28 -1.10
C GLU A 71 6.82 -17.97 -1.42
N LEU A 72 6.07 -16.88 -1.49
CA LEU A 72 6.67 -15.58 -1.81
C LEU A 72 7.45 -14.92 -0.67
N ILE A 73 6.97 -15.04 0.56
CA ILE A 73 7.68 -14.44 1.68
C ILE A 73 9.02 -15.18 1.88
N GLU A 74 9.04 -16.48 1.56
CA GLU A 74 10.24 -17.30 1.68
C GLU A 74 11.31 -16.81 0.72
N LEU A 75 10.86 -16.45 -0.47
CA LEU A 75 11.73 -15.93 -1.52
C LEU A 75 12.26 -14.56 -1.10
N ALA A 76 11.40 -13.75 -0.48
CA ALA A 76 11.79 -12.43 -0.03
C ALA A 76 12.80 -12.58 1.10
N ARG A 77 12.54 -13.55 1.97
CA ARG A 77 13.39 -13.84 3.13
C ARG A 77 14.79 -14.28 2.67
N ASP A 78 14.84 -15.18 1.69
CA ASP A 78 16.10 -15.65 1.16
C ASP A 78 16.90 -14.52 0.52
N GLU A 79 16.22 -13.58 -0.11
CA GLU A 79 16.94 -12.46 -0.73
C GLU A 79 17.75 -11.72 0.31
N VAL A 80 17.16 -11.47 1.47
CA VAL A 80 17.84 -10.71 2.52
C VAL A 80 18.56 -11.51 3.58
N THR A 81 18.74 -12.80 3.38
CA THR A 81 19.45 -13.60 4.36
C THR A 81 20.52 -14.42 3.65
N VAL A 82 20.11 -15.55 3.07
CA VAL A 82 21.02 -16.41 2.34
C VAL A 82 21.79 -15.60 1.29
N GLU A 83 21.07 -14.81 0.51
CA GLU A 83 21.68 -14.01 -0.55
C GLU A 83 22.54 -12.85 -0.07
N VAL A 84 22.21 -12.26 1.07
CA VAL A 84 23.03 -11.18 1.60
C VAL A 84 24.36 -11.83 2.02
N GLU A 85 24.28 -13.06 2.54
CA GLU A 85 25.48 -13.79 2.97
C GLU A 85 26.38 -14.08 1.77
N ASN A 86 25.78 -14.53 0.67
CA ASN A 86 26.52 -14.81 -0.55
C ASN A 86 27.09 -13.51 -1.10
N TYR A 87 26.27 -12.45 -1.09
CA TYR A 87 26.68 -11.15 -1.58
C TYR A 87 27.87 -10.65 -0.78
N VAL A 88 27.86 -10.89 0.52
CA VAL A 88 28.97 -10.47 1.37
C VAL A 88 30.25 -11.22 0.99
N LYS A 89 30.12 -12.52 0.73
CA LYS A 89 31.26 -13.34 0.34
C LYS A 89 31.85 -12.83 -0.98
N LEU A 90 30.98 -12.41 -1.89
CA LEU A 90 31.41 -11.89 -3.18
C LEU A 90 32.12 -10.56 -2.95
N LEU A 91 31.50 -9.70 -2.13
CA LEU A 91 32.09 -8.40 -1.82
C LEU A 91 33.50 -8.58 -1.25
N LYS A 92 33.67 -9.63 -0.44
CA LYS A 92 34.96 -9.92 0.17
C LYS A 92 36.01 -10.20 -0.89
N GLU A 93 35.73 -11.16 -1.76
CA GLU A 93 36.66 -11.51 -2.83
C GLU A 93 37.11 -10.26 -3.59
N LEU A 94 36.27 -9.22 -3.62
CA LEU A 94 36.60 -7.97 -4.31
C LEU A 94 37.17 -6.90 -3.39
N ASP A 95 37.53 -7.28 -2.16
CA ASP A 95 38.08 -6.34 -1.18
C ASP A 95 37.11 -5.20 -0.92
N LEU A 96 35.86 -5.56 -0.68
CA LEU A 96 34.81 -4.60 -0.37
C LEU A 96 34.06 -5.16 0.81
N THR A 97 33.33 -4.31 1.52
CA THR A 97 32.56 -4.75 2.69
C THR A 97 31.10 -4.33 2.51
N LEU A 98 30.19 -5.01 3.20
CA LEU A 98 28.77 -4.68 3.14
C LEU A 98 28.62 -3.18 3.39
N GLU A 99 29.44 -2.67 4.30
CA GLU A 99 29.43 -1.25 4.66
C GLU A 99 29.58 -0.40 3.40
N ASP A 100 30.53 -0.78 2.55
CA ASP A 100 30.77 -0.07 1.30
C ASP A 100 29.51 -0.12 0.43
N ALA A 101 28.88 -1.29 0.38
CA ALA A 101 27.66 -1.47 -0.40
C ALA A 101 26.56 -0.55 0.14
N ILE A 102 26.27 -0.69 1.43
CA ILE A 102 25.25 0.12 2.08
C ILE A 102 25.48 1.62 1.88
N LYS A 103 26.74 2.03 1.89
CA LYS A 103 27.04 3.44 1.72
C LYS A 103 27.05 3.91 0.27
N THR A 104 27.00 2.97 -0.67
CA THR A 104 27.02 3.34 -2.10
C THR A 104 25.75 4.07 -2.55
N GLU A 105 25.93 5.17 -3.27
CA GLU A 105 24.80 5.94 -3.78
C GLU A 105 24.26 5.22 -5.02
N PRO A 106 22.97 4.84 -5.01
CA PRO A 106 22.42 4.15 -6.19
C PRO A 106 22.21 5.13 -7.34
N THR A 107 22.55 4.73 -8.55
CA THR A 107 22.35 5.61 -9.69
C THR A 107 20.85 5.84 -9.81
N LEU A 108 20.46 6.81 -10.63
CA LEU A 108 19.05 7.13 -10.85
C LEU A 108 18.37 5.88 -11.42
N VAL A 109 19.01 5.25 -12.41
CA VAL A 109 18.47 4.04 -13.05
C VAL A 109 18.13 2.95 -12.03
N ASN A 110 19.05 2.74 -11.10
CA ASN A 110 18.88 1.75 -10.03
C ASN A 110 17.62 2.06 -9.22
N SER A 111 17.57 3.25 -8.64
CA SER A 111 16.43 3.68 -7.84
C SER A 111 15.14 3.50 -8.61
N ALA A 112 15.11 4.04 -9.82
CA ALA A 112 13.95 3.96 -10.69
C ALA A 112 13.48 2.52 -10.90
N TYR A 113 14.40 1.62 -11.26
CA TYR A 113 14.04 0.23 -11.50
C TYR A 113 13.42 -0.39 -10.25
N MET A 114 14.06 -0.20 -9.11
CA MET A 114 13.50 -0.75 -7.90
C MET A 114 12.10 -0.15 -7.62
N ASP A 115 11.94 1.15 -7.91
CA ASP A 115 10.66 1.83 -7.68
C ASP A 115 9.58 1.30 -8.61
N PHE A 116 9.96 0.97 -9.83
CA PHE A 116 9.04 0.40 -10.80
C PHE A 116 8.53 -0.94 -10.24
N MET A 117 9.44 -1.73 -9.69
CA MET A 117 9.05 -3.02 -9.10
C MET A 117 8.04 -2.82 -7.95
N LEU A 118 8.40 -1.96 -7.00
CA LEU A 118 7.54 -1.72 -5.85
C LEU A 118 6.21 -1.10 -6.27
N ALA A 119 6.27 -0.10 -7.12
CA ALA A 119 5.04 0.55 -7.59
C ALA A 119 4.11 -0.44 -8.30
N THR A 120 4.69 -1.34 -9.08
CA THR A 120 3.88 -2.32 -9.81
C THR A 120 3.27 -3.35 -8.87
N ALA A 121 4.03 -3.74 -7.85
CA ALA A 121 3.54 -4.69 -6.85
C ALA A 121 2.37 -4.05 -6.09
N TYR A 122 2.48 -2.75 -5.83
CA TYR A 122 1.44 -2.04 -5.10
C TYR A 122 0.15 -1.83 -5.88
N LYS A 123 0.26 -1.33 -7.09
CA LYS A 123 -0.96 -1.07 -7.84
C LYS A 123 -1.62 -2.24 -8.54
N GLY A 124 -0.87 -3.29 -8.85
CA GLY A 124 -1.48 -4.40 -9.58
C GLY A 124 -1.74 -5.64 -8.77
N ASN A 125 -2.42 -6.62 -9.39
CA ASN A 125 -2.70 -7.89 -8.72
C ASN A 125 -1.37 -8.66 -8.60
N ILE A 126 -1.38 -9.88 -8.06
CA ILE A 126 -0.13 -10.63 -7.89
C ILE A 126 0.55 -11.00 -9.19
N ILE A 127 -0.23 -11.35 -10.21
CA ILE A 127 0.35 -11.70 -11.50
C ILE A 127 1.09 -10.50 -12.09
N GLU A 128 0.48 -9.33 -11.98
CA GLU A 128 1.14 -8.14 -12.51
C GLU A 128 2.42 -7.84 -11.69
N GLY A 129 2.35 -8.04 -10.39
CA GLY A 129 3.52 -7.77 -9.57
C GLY A 129 4.64 -8.71 -9.96
N LEU A 130 4.34 -10.02 -10.02
CA LEU A 130 5.33 -11.01 -10.38
C LEU A 130 5.89 -10.77 -11.79
N THR A 131 5.02 -10.38 -12.71
CA THR A 131 5.46 -10.10 -14.08
C THR A 131 6.47 -8.96 -14.07
N ALA A 132 6.38 -8.05 -13.11
CA ALA A 132 7.34 -6.95 -13.06
C ALA A 132 8.70 -7.45 -12.59
N LEU A 133 8.73 -8.65 -12.01
CA LEU A 133 9.97 -9.24 -11.51
C LEU A 133 10.54 -10.33 -12.42
N LEU A 134 9.76 -10.77 -13.39
CA LEU A 134 10.18 -11.84 -14.28
C LEU A 134 11.37 -11.46 -15.16
N PRO A 135 11.36 -10.26 -15.75
CA PRO A 135 12.54 -9.94 -16.57
C PRO A 135 13.79 -10.12 -15.71
N CYS A 136 13.71 -9.70 -14.45
CA CYS A 136 14.86 -9.86 -13.54
C CYS A 136 15.31 -11.31 -13.43
N PHE A 137 14.48 -12.13 -12.82
CA PHE A 137 14.80 -13.56 -12.63
C PHE A 137 15.10 -14.30 -13.95
N TRP A 138 14.24 -14.13 -14.94
CA TRP A 138 14.37 -14.83 -16.21
C TRP A 138 15.56 -14.44 -17.09
N SER A 139 15.76 -13.14 -17.31
CA SER A 139 16.87 -12.70 -18.14
C SER A 139 18.24 -13.13 -17.59
N TYR A 140 18.42 -13.16 -16.28
CA TYR A 140 19.70 -13.56 -15.71
C TYR A 140 20.02 -15.01 -16.04
N ALA A 141 18.99 -15.84 -16.10
CA ALA A 141 19.19 -17.24 -16.44
C ALA A 141 19.44 -17.37 -17.95
N GLU A 142 18.68 -16.62 -18.75
CA GLU A 142 18.85 -16.68 -20.21
C GLU A 142 20.21 -16.15 -20.64
N ILE A 143 20.68 -15.12 -19.97
CA ILE A 143 21.98 -14.55 -20.29
C ILE A 143 23.07 -15.61 -20.06
N ALA A 144 23.03 -16.28 -18.91
CA ALA A 144 24.01 -17.31 -18.59
C ALA A 144 23.91 -18.43 -19.61
N GLU A 145 22.70 -18.88 -19.90
CA GLU A 145 22.49 -19.94 -20.89
C GLU A 145 23.12 -19.49 -22.21
N TYR A 146 22.85 -18.24 -22.58
CA TYR A 146 23.36 -17.65 -23.82
C TYR A 146 24.89 -17.61 -23.91
N HIS A 147 25.56 -17.33 -22.79
CA HIS A 147 27.02 -17.24 -22.77
C HIS A 147 27.67 -18.41 -22.03
N LYS A 148 26.92 -19.49 -21.93
CA LYS A 148 27.32 -20.73 -21.26
C LYS A 148 28.76 -21.16 -21.60
N ASP A 149 29.05 -21.26 -22.88
CA ASP A 149 30.38 -21.66 -23.35
C ASP A 149 31.48 -20.71 -22.89
N LYS A 150 31.27 -19.41 -23.09
CA LYS A 150 32.24 -18.40 -22.69
C LYS A 150 32.52 -18.50 -21.19
N LEU A 151 31.49 -18.84 -20.43
CA LEU A 151 31.63 -18.92 -18.98
C LEU A 151 32.54 -20.09 -18.61
N ARG A 152 32.22 -21.28 -19.12
CA ARG A 152 33.01 -22.46 -18.81
C ARG A 152 34.46 -22.30 -19.26
N ASP A 153 34.76 -21.17 -19.88
CA ASP A 153 36.10 -20.91 -20.35
C ASP A 153 36.64 -19.55 -19.88
N ASN A 154 35.92 -18.92 -18.97
CA ASN A 154 36.32 -17.61 -18.43
C ASN A 154 37.56 -17.72 -17.54
N PRO A 155 38.59 -16.91 -17.82
CA PRO A 155 39.84 -16.91 -17.05
C PRO A 155 39.70 -16.49 -15.58
N ILE A 156 38.83 -15.52 -15.33
CA ILE A 156 38.61 -14.97 -13.99
C ILE A 156 37.67 -15.77 -13.09
N LYS A 157 38.24 -16.42 -12.07
CA LYS A 157 37.47 -17.25 -11.13
C LYS A 157 36.25 -16.60 -10.50
N ILE A 158 36.37 -15.34 -10.10
CA ILE A 158 35.24 -14.65 -9.47
C ILE A 158 34.07 -14.55 -10.45
N TYR A 159 34.37 -14.22 -11.70
CA TYR A 159 33.33 -14.12 -12.71
C TYR A 159 32.70 -15.50 -12.92
N ARG A 160 33.51 -16.55 -12.89
CA ARG A 160 32.97 -17.89 -13.10
C ARG A 160 32.04 -18.29 -11.98
N GLU A 161 32.46 -18.06 -10.74
CA GLU A 161 31.62 -18.39 -9.60
C GLU A 161 30.31 -17.63 -9.76
N TRP A 162 30.43 -16.33 -9.97
CA TRP A 162 29.27 -15.45 -10.14
C TRP A 162 28.30 -15.99 -11.19
N GLY A 163 28.81 -16.33 -12.36
CA GLY A 163 27.96 -16.82 -13.43
C GLY A 163 27.29 -18.16 -13.24
N LYS A 164 28.03 -19.14 -12.73
CA LYS A 164 27.49 -20.48 -12.54
C LYS A 164 26.19 -20.53 -11.74
N VAL A 165 25.98 -19.56 -10.87
CA VAL A 165 24.76 -19.55 -10.06
C VAL A 165 23.50 -19.60 -10.93
N TYR A 166 23.52 -18.88 -12.05
CA TYR A 166 22.36 -18.82 -12.91
C TYR A 166 22.09 -20.04 -13.79
N LEU A 167 23.06 -20.95 -13.89
CA LEU A 167 22.88 -22.18 -14.67
C LEU A 167 22.43 -23.36 -13.82
N SER A 168 22.48 -23.21 -12.50
CA SER A 168 22.09 -24.27 -11.60
C SER A 168 20.63 -24.67 -11.79
N ASN A 169 20.29 -25.93 -11.46
CA ASN A 169 18.94 -26.43 -11.60
C ASN A 169 17.99 -25.73 -10.66
N GLU A 170 18.49 -25.40 -9.49
CA GLU A 170 17.69 -24.72 -8.49
C GLU A 170 17.25 -23.35 -9.00
N TYR A 171 18.18 -22.60 -9.57
CA TYR A 171 17.85 -21.28 -10.07
C TYR A 171 16.90 -21.41 -11.24
N LEU A 172 17.18 -22.37 -12.10
CA LEU A 172 16.35 -22.62 -13.28
C LEU A 172 14.95 -23.08 -12.87
N ASN A 173 14.87 -23.87 -11.81
CA ASN A 173 13.58 -24.35 -11.38
C ASN A 173 12.76 -23.25 -10.75
N LEU A 174 13.44 -22.30 -10.09
CA LEU A 174 12.77 -21.16 -9.46
C LEU A 174 12.13 -20.28 -10.54
N VAL A 175 12.90 -19.95 -11.57
CA VAL A 175 12.35 -19.14 -12.66
C VAL A 175 11.18 -19.91 -13.28
N GLY A 176 11.37 -21.22 -13.44
CA GLY A 176 10.32 -22.05 -14.02
C GLY A 176 9.04 -21.90 -13.22
N ARG A 177 9.15 -22.00 -11.90
CA ARG A 177 8.00 -21.84 -11.03
C ARG A 177 7.34 -20.46 -11.14
N LEU A 178 8.16 -19.41 -11.26
CA LEU A 178 7.60 -18.07 -11.37
C LEU A 178 6.78 -18.00 -12.66
N ARG A 179 7.28 -18.60 -13.73
CA ARG A 179 6.57 -18.59 -15.00
C ARG A 179 5.29 -19.42 -14.94
N LYS A 180 5.33 -20.50 -14.17
CA LYS A 180 4.16 -21.36 -14.04
C LYS A 180 3.02 -20.61 -13.36
N ILE A 181 3.37 -19.87 -12.32
CA ILE A 181 2.36 -19.10 -11.63
C ILE A 181 1.75 -18.09 -12.59
N ILE A 182 2.58 -17.32 -13.29
CA ILE A 182 2.04 -16.34 -14.22
C ILE A 182 1.23 -17.04 -15.33
N ASP A 183 1.74 -18.17 -15.83
CA ASP A 183 1.05 -18.87 -16.92
C ASP A 183 -0.25 -19.57 -16.57
N SER A 184 -0.48 -19.85 -15.29
CA SER A 184 -1.71 -20.53 -14.89
C SER A 184 -2.82 -19.53 -14.60
N SER A 185 -2.55 -18.25 -14.90
CA SER A 185 -3.51 -17.19 -14.67
C SER A 185 -4.44 -17.00 -15.87
N GLY A 186 -5.32 -16.01 -15.75
CA GLY A 186 -6.28 -15.72 -16.81
C GLY A 186 -5.68 -15.37 -18.16
N HIS A 187 -6.45 -15.64 -19.21
CA HIS A 187 -6.06 -15.38 -20.57
C HIS A 187 -6.16 -13.88 -20.92
N SER A 188 -7.01 -13.16 -20.20
CA SER A 188 -7.20 -11.73 -20.47
C SER A 188 -6.20 -10.83 -19.74
N GLY A 189 -6.28 -9.54 -20.01
CA GLY A 189 -5.39 -8.59 -19.37
C GLY A 189 -3.95 -8.76 -19.84
N TYR A 190 -3.74 -9.44 -20.96
CA TYR A 190 -2.38 -9.65 -21.44
C TYR A 190 -1.63 -8.36 -21.71
N ASP A 191 -2.30 -7.40 -22.36
CA ASP A 191 -1.66 -6.14 -22.69
C ASP A 191 -0.99 -5.43 -21.51
N ARG A 192 -1.61 -5.48 -20.33
CA ARG A 192 -1.00 -4.86 -19.14
C ARG A 192 0.29 -5.62 -18.81
N LEU A 193 0.23 -6.95 -18.88
CA LEU A 193 1.39 -7.79 -18.59
C LEU A 193 2.51 -7.48 -19.57
N ARG A 194 2.14 -7.33 -20.83
CA ARG A 194 3.11 -7.03 -21.88
C ARG A 194 3.88 -5.74 -21.56
N ARG A 195 3.16 -4.66 -21.29
CA ARG A 195 3.79 -3.37 -20.98
C ARG A 195 4.68 -3.48 -19.72
N ILE A 196 4.19 -4.19 -18.71
CA ILE A 196 4.98 -4.34 -17.49
C ILE A 196 6.27 -5.10 -17.78
N PHE A 197 6.16 -6.20 -18.51
CA PHE A 197 7.32 -7.03 -18.85
C PHE A 197 8.29 -6.25 -19.74
N ILE A 198 7.78 -5.48 -20.69
CA ILE A 198 8.66 -4.73 -21.57
C ILE A 198 9.38 -3.62 -20.80
N THR A 199 8.68 -3.01 -19.84
CA THR A 199 9.29 -1.96 -19.01
C THR A 199 10.42 -2.58 -18.20
N GLY A 200 10.15 -3.74 -17.61
CA GLY A 200 11.16 -4.40 -16.80
C GLY A 200 12.38 -4.77 -17.60
N SER A 201 12.14 -5.16 -18.86
CA SER A 201 13.22 -5.55 -19.76
C SER A 201 14.08 -4.35 -20.12
N LYS A 202 13.43 -3.20 -20.33
CA LYS A 202 14.17 -1.98 -20.65
C LYS A 202 15.04 -1.60 -19.46
N PHE A 203 14.49 -1.70 -18.24
CA PHE A 203 15.27 -1.38 -17.05
C PHE A 203 16.49 -2.29 -16.95
N GLU A 204 16.32 -3.57 -17.27
CA GLU A 204 17.43 -4.50 -17.22
C GLU A 204 18.56 -4.04 -18.14
N LEU A 205 18.20 -3.65 -19.35
CA LEU A 205 19.18 -3.19 -20.33
C LEU A 205 19.83 -1.91 -19.80
N ALA A 206 19.00 -1.02 -19.26
CA ALA A 206 19.47 0.25 -18.72
C ALA A 206 20.43 0.00 -17.57
N PHE A 207 20.15 -1.04 -16.79
CA PHE A 207 20.98 -1.35 -15.64
C PHE A 207 22.38 -1.75 -16.08
N TRP A 208 22.47 -2.59 -17.11
CA TRP A 208 23.77 -3.01 -17.59
C TRP A 208 24.48 -1.79 -18.15
N GLU A 209 23.72 -0.95 -18.86
CA GLU A 209 24.28 0.24 -19.46
C GLU A 209 24.89 1.17 -18.43
N MET A 210 24.19 1.38 -17.32
CA MET A 210 24.72 2.28 -16.30
C MET A 210 25.90 1.63 -15.58
N ALA A 211 25.92 0.30 -15.55
CA ALA A 211 27.03 -0.40 -14.92
C ALA A 211 28.23 -0.24 -15.85
N TRP A 212 27.97 -0.17 -17.15
CA TRP A 212 29.01 -0.02 -18.15
C TRP A 212 29.56 1.41 -18.11
N ARG A 213 28.66 2.37 -17.95
CA ARG A 213 29.04 3.78 -17.88
C ARG A 213 29.62 4.17 -16.53
N GLY A 214 29.31 3.40 -15.48
CA GLY A 214 29.82 3.73 -14.17
C GLY A 214 29.15 4.98 -13.66
N GLY A 215 27.88 5.14 -14.05
CA GLY A 215 27.09 6.29 -13.66
C GLY A 215 25.88 6.32 -14.57
N VAL B 3 10.22 7.43 31.49
CA VAL B 3 9.31 6.26 31.33
C VAL B 3 9.26 5.80 29.87
N MET B 4 9.62 4.55 29.64
CA MET B 4 9.63 3.99 28.29
C MET B 4 8.25 3.83 27.66
N ILE B 5 8.18 4.13 26.36
CA ILE B 5 6.94 4.06 25.60
C ILE B 5 6.13 2.80 25.90
N THR B 6 6.79 1.67 25.79
CA THR B 6 6.14 0.39 26.04
C THR B 6 5.49 0.28 27.45
N ASP B 7 6.19 0.76 28.48
CA ASP B 7 5.60 0.70 29.83
C ASP B 7 4.40 1.63 29.91
N LYS B 8 4.46 2.73 29.17
CA LYS B 8 3.34 3.67 29.16
C LYS B 8 2.14 3.00 28.53
N LEU B 9 2.34 2.36 27.37
CA LEU B 9 1.27 1.66 26.67
C LEU B 9 0.60 0.64 27.62
N ARG B 10 1.41 -0.15 28.30
CA ARG B 10 0.93 -1.14 29.25
C ARG B 10 0.07 -0.44 30.32
N ARG B 11 0.56 0.70 30.81
CA ARG B 11 -0.14 1.47 31.84
C ARG B 11 -1.50 2.00 31.37
N ASP B 12 -1.55 2.53 30.16
CA ASP B 12 -2.78 3.09 29.64
C ASP B 12 -3.80 2.07 29.12
N SER B 13 -3.46 0.79 29.16
CA SER B 13 -4.36 -0.26 28.69
C SER B 13 -4.51 -1.30 29.80
N GLU B 14 -4.09 -0.90 30.99
CA GLU B 14 -4.14 -1.72 32.19
C GLU B 14 -5.51 -2.37 32.50
N GLN B 15 -6.58 -1.59 32.45
CA GLN B 15 -7.94 -2.10 32.70
C GLN B 15 -8.31 -3.21 31.71
N ILE B 16 -7.85 -3.07 30.47
CA ILE B 16 -8.17 -4.05 29.43
C ILE B 16 -7.45 -5.37 29.65
N TRP B 17 -6.15 -5.29 29.92
CA TRP B 17 -5.33 -6.47 30.15
C TRP B 17 -5.80 -7.23 31.38
N LYS B 18 -6.32 -6.51 32.37
CA LYS B 18 -6.84 -7.19 33.56
C LYS B 18 -7.98 -8.08 33.07
N LYS B 19 -8.78 -7.57 32.15
CA LYS B 19 -9.91 -8.33 31.62
C LYS B 19 -9.46 -9.55 30.79
N ILE B 20 -8.33 -9.41 30.09
CA ILE B 20 -7.81 -10.51 29.30
C ILE B 20 -7.33 -11.63 30.24
N PHE B 21 -6.53 -11.24 31.25
CA PHE B 21 -5.99 -12.20 32.23
C PHE B 21 -7.07 -13.05 32.88
N GLU B 22 -8.20 -12.45 33.22
CA GLU B 22 -9.27 -13.17 33.88
C GLU B 22 -10.39 -13.62 32.96
N HIS B 23 -10.22 -13.52 31.65
CA HIS B 23 -11.28 -13.96 30.75
C HIS B 23 -11.48 -15.47 30.95
N PRO B 24 -12.74 -15.94 31.01
CA PRO B 24 -13.02 -17.37 31.20
C PRO B 24 -12.29 -18.32 30.25
N PHE B 25 -12.14 -17.93 28.98
CA PHE B 25 -11.43 -18.78 28.04
C PHE B 25 -9.99 -18.97 28.48
N VAL B 26 -9.34 -17.84 28.77
CA VAL B 26 -7.95 -17.86 29.20
C VAL B 26 -7.80 -18.65 30.52
N VAL B 27 -8.60 -18.29 31.53
CA VAL B 27 -8.52 -18.95 32.83
C VAL B 27 -8.68 -20.48 32.74
N GLN B 28 -9.72 -20.93 32.04
CA GLN B 28 -9.98 -22.36 31.89
C GLN B 28 -8.93 -23.06 31.04
N LEU B 29 -8.39 -22.38 30.04
CA LEU B 29 -7.36 -23.00 29.19
C LEU B 29 -6.18 -23.33 30.08
N TYR B 30 -5.71 -22.34 30.83
CA TYR B 30 -4.55 -22.52 31.69
C TYR B 30 -4.80 -23.42 32.91
N SER B 31 -6.04 -23.47 33.38
CA SER B 31 -6.36 -24.31 34.53
C SER B 31 -6.59 -25.75 34.05
N GLY B 32 -7.01 -25.92 32.81
CA GLY B 32 -7.23 -27.25 32.28
C GLY B 32 -8.70 -27.63 32.21
N THR B 33 -9.57 -26.72 32.63
CA THR B 33 -11.00 -27.02 32.61
C THR B 33 -11.70 -26.70 31.29
N LEU B 34 -10.99 -26.09 30.35
CA LEU B 34 -11.58 -25.73 29.06
C LEU B 34 -12.03 -26.93 28.23
N PRO B 35 -13.33 -27.01 27.88
CA PRO B 35 -13.82 -28.15 27.09
C PRO B 35 -13.01 -28.19 25.78
N LEU B 36 -12.50 -29.38 25.43
CA LEU B 36 -11.67 -29.52 24.25
C LEU B 36 -12.30 -28.91 23.00
N GLU B 37 -13.62 -28.95 22.90
CA GLU B 37 -14.28 -28.40 21.73
C GLU B 37 -14.07 -26.90 21.61
N LYS B 38 -14.15 -26.19 22.73
CA LYS B 38 -13.95 -24.74 22.69
C LYS B 38 -12.55 -24.47 22.21
N PHE B 39 -11.60 -25.27 22.69
CA PHE B 39 -10.21 -25.10 22.30
C PHE B 39 -10.04 -25.31 20.81
N LYS B 40 -10.68 -26.36 20.29
CA LYS B 40 -10.59 -26.67 18.87
C LYS B 40 -11.12 -25.52 18.03
N PHE B 41 -12.22 -24.91 18.47
CA PHE B 41 -12.80 -23.77 17.76
C PHE B 41 -11.78 -22.65 17.69
N TYR B 42 -11.13 -22.38 18.82
CA TYR B 42 -10.11 -21.34 18.93
C TYR B 42 -8.95 -21.62 17.99
N VAL B 43 -8.41 -22.83 18.08
CA VAL B 43 -7.28 -23.23 17.26
C VAL B 43 -7.57 -23.14 15.75
N LEU B 44 -8.83 -23.33 15.35
CA LEU B 44 -9.16 -23.24 13.93
C LEU B 44 -9.18 -21.79 13.45
N GLN B 45 -9.53 -20.89 14.37
CA GLN B 45 -9.56 -19.45 14.06
C GLN B 45 -8.12 -18.94 13.98
N ASP B 46 -7.19 -19.67 14.59
CA ASP B 46 -5.79 -19.26 14.59
C ASP B 46 -5.15 -19.23 13.22
N PHE B 47 -5.68 -19.99 12.26
CA PHE B 47 -5.06 -19.97 10.94
C PHE B 47 -5.12 -18.57 10.35
N ASN B 48 -6.30 -17.96 10.37
CA ASN B 48 -6.46 -16.60 9.83
C ASN B 48 -5.53 -15.63 10.57
N TYR B 49 -5.36 -15.89 11.86
CA TYR B 49 -4.51 -15.06 12.70
C TYR B 49 -3.06 -15.16 12.24
N LEU B 50 -2.61 -16.38 11.98
CA LEU B 50 -1.23 -16.62 11.54
C LEU B 50 -0.96 -15.92 10.19
N VAL B 51 -1.91 -16.07 9.27
CA VAL B 51 -1.78 -15.46 7.95
C VAL B 51 -1.82 -13.91 8.09
N GLY B 52 -2.80 -13.41 8.82
CA GLY B 52 -2.93 -11.97 9.00
C GLY B 52 -1.69 -11.33 9.60
N LEU B 53 -1.13 -12.00 10.60
CA LEU B 53 0.07 -11.50 11.25
C LEU B 53 1.19 -11.42 10.21
N THR B 54 1.25 -12.43 9.36
CA THR B 54 2.27 -12.48 8.32
C THR B 54 2.07 -11.35 7.32
N ARG B 55 0.82 -11.09 6.92
CA ARG B 55 0.54 -10.01 5.96
C ARG B 55 1.00 -8.65 6.51
N ALA B 56 0.62 -8.36 7.75
CA ALA B 56 1.00 -7.09 8.37
C ALA B 56 2.52 -6.93 8.46
N LEU B 57 3.20 -8.01 8.85
CA LEU B 57 4.66 -7.96 8.97
C LEU B 57 5.29 -7.74 7.61
N ALA B 58 4.69 -8.33 6.56
CA ALA B 58 5.21 -8.15 5.21
C ALA B 58 5.16 -6.68 4.85
N VAL B 59 4.02 -6.05 5.10
CA VAL B 59 3.89 -4.62 4.81
C VAL B 59 4.90 -3.80 5.61
N ILE B 60 4.99 -4.04 6.91
CA ILE B 60 5.94 -3.27 7.72
C ILE B 60 7.36 -3.40 7.16
N SER B 61 7.77 -4.63 6.83
CA SER B 61 9.11 -4.85 6.29
C SER B 61 9.32 -4.17 4.93
N SER B 62 8.27 -4.16 4.09
CA SER B 62 8.35 -3.54 2.77
C SER B 62 8.67 -2.06 2.89
N LYS B 63 8.38 -1.47 4.05
CA LYS B 63 8.62 -0.05 4.29
C LYS B 63 9.82 0.26 5.19
N ALA B 64 10.37 -0.75 5.84
CA ALA B 64 11.48 -0.50 6.75
C ALA B 64 12.87 -0.41 6.08
N GLU B 65 13.80 0.14 6.84
CA GLU B 65 15.17 0.29 6.40
C GLU B 65 15.87 -1.04 6.65
N TYR B 66 16.94 -1.30 5.92
CA TYR B 66 17.73 -2.50 6.14
C TYR B 66 18.64 -2.07 7.29
N PRO B 67 18.99 -2.97 8.21
CA PRO B 67 18.66 -4.38 8.38
C PRO B 67 17.33 -4.73 9.07
N LEU B 68 16.58 -3.74 9.56
CA LEU B 68 15.33 -4.06 10.24
C LEU B 68 14.34 -4.79 9.33
N MET B 69 14.29 -4.39 8.07
CA MET B 69 13.39 -5.03 7.11
C MET B 69 13.75 -6.51 7.02
N ALA B 70 15.04 -6.82 7.13
CA ALA B 70 15.49 -8.19 7.05
C ALA B 70 15.00 -8.96 8.26
N GLU B 71 15.17 -8.35 9.43
CA GLU B 71 14.74 -8.94 10.69
C GLU B 71 13.22 -9.17 10.71
N LEU B 72 12.45 -8.19 10.21
CA LEU B 72 11.00 -8.33 10.20
C LEU B 72 10.50 -9.39 9.19
N ILE B 73 11.15 -9.47 8.04
CA ILE B 73 10.76 -10.45 7.04
C ILE B 73 11.05 -11.88 7.53
N GLU B 74 12.08 -12.03 8.35
CA GLU B 74 12.44 -13.34 8.90
C GLU B 74 11.31 -13.77 9.83
N LEU B 75 10.78 -12.80 10.57
CA LEU B 75 9.68 -13.07 11.48
C LEU B 75 8.41 -13.46 10.71
N ALA B 76 8.17 -12.75 9.61
CA ALA B 76 6.99 -13.02 8.78
C ALA B 76 7.10 -14.40 8.16
N ARG B 77 8.31 -14.72 7.71
CA ARG B 77 8.62 -16.00 7.10
C ARG B 77 8.41 -17.12 8.11
N ASP B 78 8.89 -16.91 9.32
CA ASP B 78 8.74 -17.91 10.37
C ASP B 78 7.27 -18.21 10.67
N GLU B 79 6.42 -17.19 10.66
CA GLU B 79 4.98 -17.39 10.92
C GLU B 79 4.34 -18.37 9.96
N VAL B 80 4.58 -18.18 8.66
CA VAL B 80 3.97 -19.04 7.66
C VAL B 80 4.75 -20.28 7.30
N THR B 81 5.87 -20.50 7.97
CA THR B 81 6.67 -21.68 7.71
C THR B 81 6.81 -22.51 8.97
N VAL B 82 7.79 -22.17 9.80
CA VAL B 82 8.02 -22.88 11.05
C VAL B 82 6.76 -22.97 11.91
N GLU B 83 6.06 -21.85 12.07
CA GLU B 83 4.86 -21.85 12.88
C GLU B 83 3.70 -22.60 12.27
N VAL B 84 3.68 -22.70 10.95
CA VAL B 84 2.61 -23.44 10.30
C VAL B 84 2.82 -24.93 10.61
N GLU B 85 4.08 -25.37 10.61
CA GLU B 85 4.40 -26.77 10.92
C GLU B 85 4.00 -27.09 12.36
N ASN B 86 4.30 -26.19 13.30
CA ASN B 86 3.95 -26.44 14.68
C ASN B 86 2.44 -26.45 14.80
N TYR B 87 1.79 -25.58 14.05
CA TYR B 87 0.34 -25.47 14.07
C TYR B 87 -0.32 -26.71 13.48
N VAL B 88 0.26 -27.24 12.41
CA VAL B 88 -0.30 -28.43 11.79
C VAL B 88 -0.15 -29.57 12.80
N LYS B 89 0.97 -29.58 13.52
CA LYS B 89 1.23 -30.60 14.53
C LYS B 89 0.24 -30.49 15.67
N LEU B 90 -0.20 -29.27 15.96
CA LEU B 90 -1.18 -29.05 17.03
C LEU B 90 -2.51 -29.57 16.53
N LEU B 91 -2.81 -29.26 15.28
CA LEU B 91 -4.05 -29.69 14.64
C LEU B 91 -4.16 -31.21 14.70
N LYS B 92 -3.04 -31.89 14.45
CA LYS B 92 -3.03 -33.34 14.48
C LYS B 92 -3.51 -33.82 15.84
N GLU B 93 -2.84 -33.34 16.89
CA GLU B 93 -3.21 -33.70 18.26
C GLU B 93 -4.69 -33.55 18.54
N LEU B 94 -5.33 -32.65 17.78
CA LEU B 94 -6.75 -32.39 17.97
C LEU B 94 -7.59 -33.10 16.93
N ASP B 95 -6.97 -34.03 16.19
CA ASP B 95 -7.65 -34.76 15.13
C ASP B 95 -8.21 -33.79 14.08
N LEU B 96 -7.37 -32.87 13.65
CA LEU B 96 -7.74 -31.86 12.66
C LEU B 96 -6.62 -31.78 11.66
N THR B 97 -6.93 -31.22 10.49
CA THR B 97 -5.97 -31.07 9.39
C THR B 97 -5.90 -29.61 8.94
N LEU B 98 -4.79 -29.24 8.30
CA LEU B 98 -4.63 -27.87 7.81
C LEU B 98 -5.84 -27.49 6.96
N GLU B 99 -6.33 -28.43 6.16
CA GLU B 99 -7.49 -28.18 5.31
C GLU B 99 -8.69 -27.75 6.14
N ASP B 100 -8.88 -28.39 7.29
CA ASP B 100 -9.97 -28.02 8.18
C ASP B 100 -9.77 -26.56 8.54
N ALA B 101 -8.54 -26.20 8.88
CA ALA B 101 -8.22 -24.83 9.26
C ALA B 101 -8.41 -23.90 8.06
N ILE B 102 -7.87 -24.29 6.91
CA ILE B 102 -7.99 -23.47 5.71
C ILE B 102 -9.44 -23.22 5.32
N LYS B 103 -10.31 -24.20 5.51
CA LYS B 103 -11.72 -24.02 5.15
C LYS B 103 -12.58 -23.38 6.24
N THR B 104 -11.98 -23.12 7.40
CA THR B 104 -12.73 -22.51 8.49
C THR B 104 -13.04 -21.06 8.15
N GLU B 105 -14.27 -20.66 8.40
CA GLU B 105 -14.68 -19.28 8.15
C GLU B 105 -14.33 -18.40 9.34
N PRO B 106 -13.44 -17.41 9.13
CA PRO B 106 -13.06 -16.53 10.24
C PRO B 106 -14.26 -15.71 10.72
N THR B 107 -14.35 -15.49 12.03
CA THR B 107 -15.44 -14.70 12.59
C THR B 107 -15.19 -13.25 12.19
N LEU B 108 -16.17 -12.37 12.41
CA LEU B 108 -16.03 -10.95 12.09
C LEU B 108 -14.88 -10.34 12.92
N VAL B 109 -14.77 -10.73 14.18
CA VAL B 109 -13.72 -10.22 15.06
C VAL B 109 -12.35 -10.65 14.55
N ASN B 110 -12.25 -11.88 14.06
CA ASN B 110 -11.00 -12.41 13.53
C ASN B 110 -10.58 -11.55 12.33
N SER B 111 -11.47 -11.42 11.36
CA SER B 111 -11.19 -10.64 10.15
C SER B 111 -10.88 -9.19 10.50
N ALA B 112 -11.69 -8.63 11.39
CA ALA B 112 -11.51 -7.27 11.85
C ALA B 112 -10.12 -7.03 12.45
N TYR B 113 -9.68 -7.93 13.32
CA TYR B 113 -8.40 -7.82 14.01
C TYR B 113 -7.26 -7.83 13.01
N MET B 114 -7.30 -8.78 12.09
CA MET B 114 -6.26 -8.87 11.09
C MET B 114 -6.27 -7.66 10.15
N ASP B 115 -7.47 -7.16 9.80
CA ASP B 115 -7.55 -5.97 8.92
C ASP B 115 -7.01 -4.75 9.66
N PHE B 116 -7.21 -4.71 10.98
CA PHE B 116 -6.70 -3.61 11.79
C PHE B 116 -5.15 -3.65 11.72
N MET B 117 -4.57 -4.84 11.87
CA MET B 117 -3.11 -4.97 11.81
C MET B 117 -2.59 -4.52 10.45
N LEU B 118 -3.19 -5.03 9.37
CA LEU B 118 -2.74 -4.65 8.04
C LEU B 118 -2.94 -3.16 7.78
N ALA B 119 -4.14 -2.68 8.11
CA ALA B 119 -4.46 -1.27 7.89
C ALA B 119 -3.51 -0.33 8.65
N THR B 120 -3.17 -0.70 9.88
CA THR B 120 -2.27 0.14 10.65
C THR B 120 -0.86 0.09 10.04
N ALA B 121 -0.45 -1.09 9.58
CA ALA B 121 0.87 -1.22 8.95
C ALA B 121 0.91 -0.34 7.69
N TYR B 122 -0.18 -0.36 6.92
CA TYR B 122 -0.24 0.42 5.69
C TYR B 122 -0.19 1.95 5.89
N LYS B 123 -1.06 2.49 6.73
CA LYS B 123 -1.04 3.94 6.90
C LYS B 123 0.02 4.50 7.86
N GLY B 124 0.50 3.68 8.79
CA GLY B 124 1.49 4.15 9.74
C GLY B 124 2.95 3.83 9.46
N ASN B 125 3.83 4.53 10.17
CA ASN B 125 5.26 4.31 10.04
C ASN B 125 5.59 2.97 10.69
N ILE B 126 6.86 2.60 10.63
CA ILE B 126 7.32 1.35 11.21
C ILE B 126 6.94 1.13 12.67
N ILE B 127 7.03 2.16 13.49
CA ILE B 127 6.72 1.99 14.90
C ILE B 127 5.22 1.82 15.14
N GLU B 128 4.41 2.52 14.37
CA GLU B 128 2.97 2.39 14.52
C GLU B 128 2.53 0.98 14.07
N GLY B 129 3.10 0.49 12.98
CA GLY B 129 2.73 -0.84 12.51
C GLY B 129 3.08 -1.90 13.56
N LEU B 130 4.29 -1.82 14.08
CA LEU B 130 4.75 -2.75 15.09
C LEU B 130 3.94 -2.67 16.37
N THR B 131 3.53 -1.46 16.75
CA THR B 131 2.75 -1.27 17.97
C THR B 131 1.38 -1.96 17.86
N ALA B 132 0.85 -2.02 16.64
CA ALA B 132 -0.43 -2.68 16.39
C ALA B 132 -0.30 -4.20 16.65
N LEU B 133 0.94 -4.71 16.60
CA LEU B 133 1.21 -6.12 16.84
C LEU B 133 1.69 -6.40 18.25
N LEU B 134 2.08 -5.37 18.98
CA LEU B 134 2.60 -5.61 20.33
C LEU B 134 1.60 -6.24 21.29
N PRO B 135 0.33 -5.76 21.30
CA PRO B 135 -0.62 -6.38 22.23
C PRO B 135 -0.61 -7.90 22.04
N CYS B 136 -0.63 -8.32 20.78
CA CYS B 136 -0.59 -9.73 20.40
C CYS B 136 0.60 -10.45 21.03
N PHE B 137 1.81 -10.10 20.59
CA PHE B 137 3.02 -10.75 21.10
C PHE B 137 3.20 -10.65 22.63
N TRP B 138 3.09 -9.46 23.17
CA TRP B 138 3.29 -9.22 24.59
C TRP B 138 2.20 -9.80 25.50
N SER B 139 0.93 -9.62 25.18
CA SER B 139 -0.10 -10.16 26.06
C SER B 139 -0.04 -11.67 26.17
N TYR B 140 0.32 -12.35 25.08
CA TYR B 140 0.40 -13.82 25.14
C TYR B 140 1.49 -14.25 26.13
N ALA B 141 2.54 -13.45 26.28
CA ALA B 141 3.60 -13.79 27.24
C ALA B 141 3.14 -13.43 28.67
N GLU B 142 2.49 -12.27 28.82
CA GLU B 142 2.03 -11.83 30.13
C GLU B 142 0.99 -12.77 30.71
N ILE B 143 0.13 -13.29 29.84
CA ILE B 143 -0.91 -14.21 30.24
C ILE B 143 -0.36 -15.51 30.82
N ALA B 144 0.64 -16.09 30.15
CA ALA B 144 1.24 -17.34 30.63
C ALA B 144 2.01 -17.09 31.94
N GLU B 145 2.68 -15.95 32.04
CA GLU B 145 3.42 -15.60 33.25
C GLU B 145 2.42 -15.49 34.41
N TYR B 146 1.31 -14.80 34.15
CA TYR B 146 0.23 -14.60 35.11
C TYR B 146 -0.34 -15.92 35.61
N HIS B 147 -0.57 -16.85 34.68
CA HIS B 147 -1.16 -18.13 35.05
C HIS B 147 -0.15 -19.30 35.12
N LYS B 148 1.14 -18.98 35.15
CA LYS B 148 2.17 -20.02 35.15
C LYS B 148 1.95 -21.13 36.16
N ASP B 149 1.44 -20.79 37.33
CA ASP B 149 1.21 -21.77 38.38
C ASP B 149 0.16 -22.81 38.06
N LYS B 150 -0.91 -22.39 37.40
CA LYS B 150 -1.98 -23.31 37.03
C LYS B 150 -1.52 -24.24 35.91
N LEU B 151 -0.62 -23.73 35.06
CA LEU B 151 -0.14 -24.52 33.92
C LEU B 151 0.55 -25.82 34.37
N ARG B 152 1.39 -25.77 35.41
CA ARG B 152 2.03 -27.00 35.84
C ARG B 152 1.05 -27.95 36.51
N ASP B 153 -0.08 -27.41 36.96
CA ASP B 153 -1.10 -28.21 37.61
C ASP B 153 -2.17 -28.63 36.58
N ASN B 154 -2.02 -28.16 35.35
CA ASN B 154 -2.98 -28.44 34.27
C ASN B 154 -2.95 -29.91 33.86
N PRO B 155 -4.08 -30.61 33.96
CA PRO B 155 -4.22 -32.03 33.61
C PRO B 155 -4.16 -32.35 32.11
N ILE B 156 -4.48 -31.37 31.26
CA ILE B 156 -4.47 -31.61 29.82
C ILE B 156 -3.12 -31.34 29.16
N LYS B 157 -2.45 -32.42 28.77
CA LYS B 157 -1.14 -32.33 28.14
C LYS B 157 -1.09 -31.33 26.98
N ILE B 158 -2.12 -31.33 26.14
CA ILE B 158 -2.17 -30.43 24.99
C ILE B 158 -2.16 -28.95 25.42
N TYR B 159 -2.81 -28.64 26.54
CA TYR B 159 -2.83 -27.26 27.00
C TYR B 159 -1.46 -26.86 27.57
N ARG B 160 -0.84 -27.76 28.32
CA ARG B 160 0.48 -27.48 28.90
C ARG B 160 1.51 -27.21 27.80
N GLU B 161 1.48 -28.04 26.76
CA GLU B 161 2.41 -27.87 25.64
C GLU B 161 2.14 -26.52 24.98
N TRP B 162 0.86 -26.24 24.75
CA TRP B 162 0.43 -24.99 24.13
C TRP B 162 0.94 -23.77 24.92
N GLY B 163 0.65 -23.76 26.22
CA GLY B 163 1.07 -22.64 27.06
C GLY B 163 2.56 -22.50 27.31
N LYS B 164 3.29 -23.61 27.35
CA LYS B 164 4.73 -23.55 27.60
C LYS B 164 5.48 -22.67 26.61
N VAL B 165 4.97 -22.58 25.39
CA VAL B 165 5.59 -21.78 24.34
C VAL B 165 5.81 -20.31 24.75
N TYR B 166 4.80 -19.71 25.36
CA TYR B 166 4.87 -18.31 25.75
C TYR B 166 5.76 -18.06 26.96
N LEU B 167 6.17 -19.13 27.64
CA LEU B 167 7.06 -19.04 28.80
C LEU B 167 8.51 -19.26 28.39
N SER B 168 8.73 -19.76 27.17
CA SER B 168 10.10 -20.04 26.69
C SER B 168 10.94 -18.81 26.46
N ASN B 169 12.26 -18.98 26.61
CA ASN B 169 13.19 -17.89 26.39
C ASN B 169 13.17 -17.35 24.97
N GLU B 170 12.88 -18.22 24.01
CA GLU B 170 12.83 -17.80 22.61
C GLU B 170 11.69 -16.80 22.43
N TYR B 171 10.50 -17.18 22.92
CA TYR B 171 9.33 -16.32 22.80
C TYR B 171 9.55 -15.02 23.55
N LEU B 172 10.04 -15.14 24.78
CA LEU B 172 10.30 -13.97 25.59
C LEU B 172 11.31 -13.04 24.93
N ASN B 173 12.35 -13.60 24.31
CA ASN B 173 13.36 -12.77 23.63
C ASN B 173 12.70 -12.02 22.46
N LEU B 174 11.77 -12.68 21.77
CA LEU B 174 11.08 -12.02 20.65
C LEU B 174 10.30 -10.80 21.16
N VAL B 175 9.62 -10.95 22.30
CA VAL B 175 8.85 -9.86 22.88
C VAL B 175 9.82 -8.73 23.22
N GLY B 176 10.95 -9.11 23.82
CA GLY B 176 11.98 -8.15 24.20
C GLY B 176 12.45 -7.34 23.01
N ARG B 177 12.71 -8.01 21.89
CA ARG B 177 13.15 -7.33 20.67
C ARG B 177 12.12 -6.33 20.20
N LEU B 178 10.87 -6.79 20.10
CA LEU B 178 9.79 -5.92 19.64
C LEU B 178 9.69 -4.70 20.54
N ARG B 179 9.70 -4.91 21.85
CA ARG B 179 9.62 -3.78 22.76
C ARG B 179 10.83 -2.87 22.57
N LYS B 180 12.01 -3.46 22.43
CA LYS B 180 13.23 -2.66 22.24
C LYS B 180 13.09 -1.73 21.03
N ILE B 181 12.69 -2.27 19.87
CA ILE B 181 12.53 -1.45 18.67
C ILE B 181 11.61 -0.27 18.93
N ILE B 182 10.47 -0.54 19.56
CA ILE B 182 9.53 0.51 19.87
C ILE B 182 10.06 1.51 20.92
N ASP B 183 10.67 1.00 21.99
CA ASP B 183 11.18 1.89 23.04
C ASP B 183 12.39 2.72 22.63
N SER B 184 13.09 2.33 21.57
CA SER B 184 14.24 3.11 21.16
C SER B 184 13.88 4.18 20.13
N SER B 185 12.58 4.42 19.96
CA SER B 185 12.09 5.40 19.00
C SER B 185 11.84 6.78 19.64
N GLY B 186 11.49 7.77 18.82
CA GLY B 186 11.25 9.12 19.33
C GLY B 186 10.28 9.22 20.50
N HIS B 187 10.04 10.45 20.95
CA HIS B 187 9.13 10.70 22.07
C HIS B 187 7.81 11.28 21.57
N SER B 188 7.82 11.73 20.32
CA SER B 188 6.63 12.33 19.74
C SER B 188 5.65 11.29 19.25
N GLY B 189 4.42 11.72 19.04
CA GLY B 189 3.38 10.83 18.55
C GLY B 189 2.95 9.74 19.51
N TYR B 190 3.26 9.90 20.78
CA TYR B 190 2.86 8.87 21.73
C TYR B 190 1.37 8.61 21.70
N ASP B 191 0.58 9.67 21.59
CA ASP B 191 -0.86 9.50 21.60
C ASP B 191 -1.37 8.61 20.47
N ARG B 192 -0.75 8.67 19.29
CA ARG B 192 -1.21 7.78 18.21
C ARG B 192 -0.85 6.35 18.60
N LEU B 193 0.34 6.15 19.16
CA LEU B 193 0.76 4.83 19.60
C LEU B 193 -0.20 4.29 20.67
N ARG B 194 -0.59 5.17 21.60
CA ARG B 194 -1.51 4.78 22.67
C ARG B 194 -2.84 4.26 22.11
N ARG B 195 -3.41 4.99 21.15
CA ARG B 195 -4.68 4.58 20.55
C ARG B 195 -4.53 3.25 19.80
N ILE B 196 -3.40 3.08 19.10
CA ILE B 196 -3.15 1.84 18.36
C ILE B 196 -3.05 0.65 19.30
N PHE B 197 -2.30 0.82 20.39
CA PHE B 197 -2.10 -0.24 21.37
C PHE B 197 -3.44 -0.60 22.06
N ILE B 198 -4.18 0.41 22.47
CA ILE B 198 -5.47 0.19 23.12
C ILE B 198 -6.41 -0.61 22.20
N THR B 199 -6.52 -0.19 20.95
CA THR B 199 -7.35 -0.89 19.96
C THR B 199 -6.91 -2.35 19.84
N GLY B 200 -5.60 -2.58 19.71
CA GLY B 200 -5.11 -3.93 19.60
C GLY B 200 -5.43 -4.75 20.85
N SER B 201 -5.34 -4.12 22.02
CA SER B 201 -5.66 -4.82 23.27
C SER B 201 -7.16 -5.18 23.34
N LYS B 202 -8.01 -4.27 22.87
CA LYS B 202 -9.45 -4.56 22.89
C LYS B 202 -9.75 -5.71 21.94
N PHE B 203 -9.02 -5.77 20.82
CA PHE B 203 -9.22 -6.88 19.88
C PHE B 203 -8.84 -8.20 20.55
N GLU B 204 -7.73 -8.23 21.29
CA GLU B 204 -7.32 -9.45 21.99
C GLU B 204 -8.47 -9.92 22.88
N LEU B 205 -9.01 -9.01 23.69
CA LEU B 205 -10.13 -9.35 24.58
C LEU B 205 -11.33 -9.88 23.80
N ALA B 206 -11.62 -9.24 22.66
CA ALA B 206 -12.73 -9.63 21.78
C ALA B 206 -12.46 -11.00 21.15
N PHE B 207 -11.20 -11.26 20.81
CA PHE B 207 -10.85 -12.53 20.20
C PHE B 207 -11.11 -13.67 21.20
N TRP B 208 -10.67 -13.49 22.44
CA TRP B 208 -10.88 -14.51 23.46
C TRP B 208 -12.36 -14.71 23.67
N GLU B 209 -13.11 -13.61 23.64
CA GLU B 209 -14.57 -13.69 23.84
C GLU B 209 -15.24 -14.47 22.70
N MET B 210 -14.87 -14.18 21.46
CA MET B 210 -15.51 -14.88 20.36
C MET B 210 -15.12 -16.35 20.36
N ALA B 211 -13.90 -16.65 20.80
CA ALA B 211 -13.42 -18.02 20.85
C ALA B 211 -14.27 -18.81 21.85
N TRP B 212 -14.60 -18.14 22.96
CA TRP B 212 -15.40 -18.71 24.01
C TRP B 212 -16.83 -18.94 23.56
N ARG B 213 -17.38 -17.96 22.84
CA ARG B 213 -18.74 -18.03 22.33
C ARG B 213 -18.85 -19.01 21.16
N GLY B 214 -17.73 -19.31 20.53
CA GLY B 214 -17.74 -20.21 19.38
C GLY B 214 -18.40 -19.50 18.22
N GLY B 215 -18.28 -18.18 18.19
CA GLY B 215 -18.89 -17.41 17.11
C GLY B 215 -18.86 -15.90 17.31
N MET C 1 22.72 28.96 12.09
CA MET C 1 21.51 29.23 12.92
C MET C 1 20.31 28.56 12.28
N ARG C 2 20.60 27.58 11.44
CA ARG C 2 19.59 26.80 10.74
C ARG C 2 18.59 27.47 9.80
N VAL C 3 18.65 27.07 8.53
CA VAL C 3 17.74 27.56 7.51
C VAL C 3 16.62 26.50 7.51
N MET C 4 15.58 26.68 6.71
CA MET C 4 14.49 25.71 6.67
C MET C 4 14.86 24.44 5.89
N ILE C 5 14.05 23.40 6.07
CA ILE C 5 14.27 22.15 5.35
C ILE C 5 14.23 22.39 3.84
N THR C 6 13.21 23.07 3.33
CA THR C 6 13.14 23.31 1.88
C THR C 6 14.28 24.24 1.40
N ASP C 7 14.86 25.04 2.30
CA ASP C 7 15.99 25.89 1.93
C ASP C 7 17.17 24.94 1.63
N LYS C 8 17.35 23.95 2.50
CA LYS C 8 18.42 22.97 2.32
C LYS C 8 18.21 22.14 1.06
N LEU C 9 16.95 21.77 0.78
CA LEU C 9 16.67 20.97 -0.42
C LEU C 9 17.07 21.73 -1.68
N ARG C 10 16.74 23.03 -1.71
CA ARG C 10 17.10 23.89 -2.84
C ARG C 10 18.64 24.00 -2.85
N ARG C 11 19.20 24.29 -1.68
CA ARG C 11 20.65 24.41 -1.56
C ARG C 11 21.37 23.15 -2.09
N ASP C 12 20.97 21.99 -1.59
CA ASP C 12 21.62 20.73 -2.00
C ASP C 12 21.36 20.22 -3.41
N SER C 13 20.51 20.89 -4.18
CA SER C 13 20.26 20.43 -5.55
C SER C 13 20.51 21.53 -6.57
N GLU C 14 21.23 22.58 -6.17
CA GLU C 14 21.52 23.72 -7.06
C GLU C 14 22.09 23.37 -8.43
N GLN C 15 23.06 22.46 -8.46
CA GLN C 15 23.68 22.10 -9.73
C GLN C 15 22.72 21.47 -10.73
N ILE C 16 21.86 20.57 -10.28
CA ILE C 16 20.97 19.97 -11.25
C ILE C 16 19.84 20.94 -11.63
N TRP C 17 19.40 21.79 -10.71
CA TRP C 17 18.34 22.75 -11.05
C TRP C 17 18.87 23.74 -12.10
N LYS C 18 20.16 24.07 -12.03
CA LYS C 18 20.78 24.95 -13.01
C LYS C 18 20.68 24.29 -14.39
N LYS C 19 20.98 23.00 -14.45
CA LYS C 19 20.90 22.25 -15.71
C LYS C 19 19.46 22.24 -16.21
N ILE C 20 18.51 22.21 -15.29
CA ILE C 20 17.10 22.23 -15.67
C ILE C 20 16.76 23.61 -16.24
N PHE C 21 17.19 24.67 -15.55
CA PHE C 21 16.90 26.01 -16.04
C PHE C 21 17.50 26.27 -17.42
N GLU C 22 18.66 25.66 -17.68
CA GLU C 22 19.35 25.86 -18.94
C GLU C 22 19.15 24.78 -19.99
N HIS C 23 18.26 23.82 -19.72
CA HIS C 23 18.03 22.75 -20.68
C HIS C 23 17.43 23.33 -21.97
N PRO C 24 17.96 22.92 -23.13
CA PRO C 24 17.49 23.38 -24.44
C PRO C 24 15.98 23.41 -24.56
N PHE C 25 15.34 22.29 -24.21
CA PHE C 25 13.89 22.19 -24.31
C PHE C 25 13.23 23.30 -23.51
N VAL C 26 13.66 23.47 -22.27
CA VAL C 26 13.11 24.49 -21.41
C VAL C 26 13.40 25.89 -21.97
N VAL C 27 14.68 26.14 -22.27
CA VAL C 27 15.09 27.44 -22.79
C VAL C 27 14.33 27.78 -24.07
N GLN C 28 14.24 26.81 -24.97
CA GLN C 28 13.55 27.04 -26.24
C GLN C 28 12.05 27.17 -26.10
N LEU C 29 11.46 26.48 -25.13
CA LEU C 29 10.03 26.55 -24.93
C LEU C 29 9.67 27.96 -24.47
N TYR C 30 10.44 28.49 -23.52
CA TYR C 30 10.18 29.81 -22.99
C TYR C 30 10.58 30.96 -23.91
N SER C 31 11.58 30.76 -24.75
CA SER C 31 11.99 31.81 -25.67
C SER C 31 11.00 31.85 -26.84
N GLY C 32 10.47 30.69 -27.20
CA GLY C 32 9.52 30.61 -28.30
C GLY C 32 10.14 29.95 -29.51
N THR C 33 11.35 29.45 -29.32
CA THR C 33 12.13 28.81 -30.37
C THR C 33 11.88 27.31 -30.52
N LEU C 34 11.30 26.69 -29.50
CA LEU C 34 11.04 25.26 -29.56
C LEU C 34 10.19 24.87 -30.77
N PRO C 35 10.61 23.82 -31.52
CA PRO C 35 9.83 23.39 -32.69
C PRO C 35 8.51 22.78 -32.18
N LEU C 36 7.39 23.32 -32.64
CA LEU C 36 6.06 22.88 -32.22
C LEU C 36 5.91 21.36 -32.17
N GLU C 37 6.72 20.64 -32.92
CA GLU C 37 6.64 19.19 -32.93
C GLU C 37 7.16 18.60 -31.63
N LYS C 38 8.19 19.22 -31.07
CA LYS C 38 8.78 18.75 -29.83
C LYS C 38 7.85 19.02 -28.65
N PHE C 39 7.10 20.11 -28.75
CA PHE C 39 6.18 20.46 -27.68
C PHE C 39 5.05 19.44 -27.64
N LYS C 40 4.57 19.03 -28.83
CA LYS C 40 3.50 18.05 -28.90
C LYS C 40 3.95 16.72 -28.29
N PHE C 41 5.19 16.32 -28.55
CA PHE C 41 5.70 15.06 -27.98
C PHE C 41 5.67 15.15 -26.46
N TYR C 42 6.07 16.32 -25.95
CA TYR C 42 6.11 16.57 -24.51
C TYR C 42 4.70 16.57 -23.94
N VAL C 43 3.80 17.36 -24.51
CA VAL C 43 2.43 17.44 -24.02
C VAL C 43 1.85 16.03 -23.97
N LEU C 44 2.06 15.26 -25.03
CA LEU C 44 1.55 13.90 -25.10
C LEU C 44 2.04 13.08 -23.90
N GLN C 45 3.33 13.17 -23.61
CA GLN C 45 3.89 12.43 -22.48
C GLN C 45 3.33 12.92 -21.14
N ASP C 46 2.68 14.09 -21.14
CA ASP C 46 2.10 14.64 -19.91
C ASP C 46 0.90 13.90 -19.35
N PHE C 47 0.19 13.13 -20.17
CA PHE C 47 -0.97 12.40 -19.65
C PHE C 47 -0.54 11.48 -18.52
N ASN C 48 0.45 10.65 -18.81
CA ASN C 48 0.97 9.70 -17.84
C ASN C 48 1.45 10.42 -16.57
N TYR C 49 1.95 11.64 -16.75
CA TYR C 49 2.45 12.46 -15.65
C TYR C 49 1.25 12.89 -14.82
N LEU C 50 0.21 13.35 -15.51
CA LEU C 50 -1.02 13.82 -14.88
C LEU C 50 -1.63 12.70 -14.04
N VAL C 51 -1.73 11.51 -14.63
CA VAL C 51 -2.28 10.36 -13.93
C VAL C 51 -1.35 9.96 -12.77
N GLY C 52 -0.05 9.88 -13.03
CA GLY C 52 0.90 9.49 -12.00
C GLY C 52 0.95 10.40 -10.78
N LEU C 53 0.87 11.71 -11.03
CA LEU C 53 0.88 12.68 -9.95
C LEU C 53 -0.38 12.43 -9.12
N THR C 54 -1.48 12.14 -9.80
CA THR C 54 -2.74 11.87 -9.11
C THR C 54 -2.66 10.61 -8.22
N ARG C 55 -2.08 9.54 -8.76
CA ARG C 55 -1.94 8.28 -8.03
C ARG C 55 -1.16 8.50 -6.72
N ALA C 56 -0.03 9.19 -6.83
CA ALA C 56 0.81 9.43 -5.67
C ALA C 56 0.10 10.28 -4.64
N LEU C 57 -0.61 11.31 -5.08
CA LEU C 57 -1.32 12.17 -4.16
C LEU C 57 -2.41 11.38 -3.43
N ALA C 58 -3.03 10.44 -4.14
CA ALA C 58 -4.07 9.61 -3.54
C ALA C 58 -3.48 8.77 -2.40
N VAL C 59 -2.34 8.14 -2.64
CA VAL C 59 -1.69 7.32 -1.61
C VAL C 59 -1.30 8.19 -0.41
N ILE C 60 -0.64 9.32 -0.65
CA ILE C 60 -0.28 10.21 0.47
C ILE C 60 -1.54 10.57 1.25
N SER C 61 -2.59 10.94 0.52
CA SER C 61 -3.85 11.30 1.18
C SER C 61 -4.42 10.15 2.00
N SER C 62 -4.34 8.94 1.47
CA SER C 62 -4.88 7.79 2.21
C SER C 62 -4.22 7.55 3.57
N LYS C 63 -3.02 8.10 3.77
CA LYS C 63 -2.26 7.90 4.99
C LYS C 63 -2.19 9.11 5.89
N ALA C 64 -2.56 10.26 5.35
CA ALA C 64 -2.51 11.48 6.10
C ALA C 64 -3.62 11.61 7.13
N GLU C 65 -3.41 12.52 8.08
CA GLU C 65 -4.40 12.78 9.09
C GLU C 65 -5.32 13.88 8.55
N TYR C 66 -6.54 13.94 9.08
CA TYR C 66 -7.47 14.98 8.67
C TYR C 66 -7.02 16.22 9.47
N PRO C 67 -7.14 17.42 8.89
CA PRO C 67 -7.65 17.85 7.59
C PRO C 67 -6.65 17.82 6.41
N LEU C 68 -5.39 17.50 6.69
CA LEU C 68 -4.41 17.46 5.61
C LEU C 68 -4.85 16.50 4.51
N MET C 69 -5.42 15.36 4.92
CA MET C 69 -5.91 14.38 3.97
C MET C 69 -6.91 15.00 3.00
N ALA C 70 -7.79 15.86 3.50
CA ALA C 70 -8.79 16.49 2.65
C ALA C 70 -8.12 17.47 1.68
N GLU C 71 -7.14 18.21 2.20
CA GLU C 71 -6.39 19.17 1.39
C GLU C 71 -5.69 18.42 0.25
N LEU C 72 -5.17 17.24 0.56
CA LEU C 72 -4.48 16.44 -0.45
C LEU C 72 -5.36 15.74 -1.47
N ILE C 73 -6.51 15.22 -1.04
CA ILE C 73 -7.39 14.56 -1.98
C ILE C 73 -7.99 15.61 -2.96
N GLU C 74 -8.14 16.84 -2.47
CA GLU C 74 -8.66 17.94 -3.30
C GLU C 74 -7.70 18.24 -4.43
N LEU C 75 -6.41 18.21 -4.10
CA LEU C 75 -5.35 18.45 -5.07
C LEU C 75 -5.30 17.29 -6.07
N ALA C 76 -5.49 16.06 -5.57
CA ALA C 76 -5.49 14.89 -6.44
C ALA C 76 -6.68 14.99 -7.39
N ARG C 77 -7.83 15.38 -6.83
CA ARG C 77 -9.07 15.52 -7.57
C ARG C 77 -8.93 16.58 -8.68
N ASP C 78 -8.35 17.73 -8.35
CA ASP C 78 -8.15 18.77 -9.34
C ASP C 78 -7.23 18.31 -10.46
N GLU C 79 -6.23 17.49 -10.14
CA GLU C 79 -5.33 17.00 -11.18
C GLU C 79 -6.11 16.26 -12.25
N VAL C 80 -7.07 15.43 -11.84
CA VAL C 80 -7.83 14.64 -12.80
C VAL C 80 -9.17 15.19 -13.24
N THR C 81 -9.45 16.44 -12.93
CA THR C 81 -10.71 17.03 -13.36
C THR C 81 -10.44 18.38 -14.01
N VAL C 82 -10.28 19.41 -13.19
CA VAL C 82 -9.99 20.74 -13.68
C VAL C 82 -8.80 20.70 -14.65
N GLU C 83 -7.73 20.03 -14.24
CA GLU C 83 -6.52 19.96 -15.05
C GLU C 83 -6.62 19.08 -16.29
N VAL C 84 -7.45 18.04 -16.25
CA VAL C 84 -7.63 17.21 -17.43
C VAL C 84 -8.38 18.08 -18.45
N GLU C 85 -9.30 18.91 -17.96
CA GLU C 85 -10.06 19.81 -18.81
C GLU C 85 -9.14 20.82 -19.50
N ASN C 86 -8.21 21.39 -18.73
CA ASN C 86 -7.25 22.34 -19.28
C ASN C 86 -6.32 21.63 -20.25
N TYR C 87 -5.91 20.42 -19.87
CA TYR C 87 -5.02 19.63 -20.70
C TYR C 87 -5.69 19.32 -22.03
N VAL C 88 -7.00 19.05 -21.99
CA VAL C 88 -7.73 18.76 -23.21
C VAL C 88 -7.77 19.99 -24.11
N LYS C 89 -7.97 21.17 -23.50
CA LYS C 89 -8.01 22.43 -24.24
C LYS C 89 -6.66 22.68 -24.92
N LEU C 90 -5.58 22.35 -24.21
CA LEU C 90 -4.23 22.52 -24.74
C LEU C 90 -4.04 21.54 -25.90
N LEU C 91 -4.45 20.29 -25.70
CA LEU C 91 -4.34 19.26 -26.71
C LEU C 91 -5.05 19.71 -28.00
N LYS C 92 -6.19 20.36 -27.81
CA LYS C 92 -7.00 20.85 -28.91
C LYS C 92 -6.21 21.85 -29.75
N GLU C 93 -5.70 22.91 -29.11
CA GLU C 93 -4.92 23.92 -29.80
C GLU C 93 -3.81 23.27 -30.64
N LEU C 94 -3.35 22.09 -30.24
CA LEU C 94 -2.30 21.37 -30.95
C LEU C 94 -2.83 20.33 -31.92
N ASP C 95 -4.13 20.35 -32.17
CA ASP C 95 -4.76 19.38 -33.08
C ASP C 95 -4.51 17.97 -32.60
N LEU C 96 -4.74 17.74 -31.30
CA LEU C 96 -4.58 16.43 -30.70
C LEU C 96 -5.82 16.21 -29.84
N THR C 97 -6.11 14.95 -29.50
CA THR C 97 -7.28 14.65 -28.67
C THR C 97 -6.83 13.82 -27.46
N LEU C 98 -7.63 13.83 -26.40
CA LEU C 98 -7.30 13.06 -25.19
C LEU C 98 -6.99 11.64 -25.61
N GLU C 99 -7.74 11.16 -26.61
CA GLU C 99 -7.56 9.81 -27.14
C GLU C 99 -6.11 9.58 -27.52
N ASP C 100 -5.54 10.56 -28.21
CA ASP C 100 -4.15 10.47 -28.65
C ASP C 100 -3.24 10.39 -27.42
N ALA C 101 -3.54 11.20 -26.42
CA ALA C 101 -2.77 11.21 -25.19
C ALA C 101 -2.84 9.83 -24.53
N ILE C 102 -4.07 9.38 -24.25
CA ILE C 102 -4.29 8.08 -23.62
C ILE C 102 -3.60 6.94 -24.37
N LYS C 103 -3.59 7.02 -25.71
CA LYS C 103 -2.96 5.99 -26.52
C LYS C 103 -1.43 6.10 -26.59
N THR C 104 -0.89 7.24 -26.17
CA THR C 104 0.57 7.46 -26.23
C THR C 104 1.37 6.55 -25.31
N GLU C 105 2.41 5.93 -25.85
CA GLU C 105 3.26 5.04 -25.06
C GLU C 105 4.22 5.91 -24.25
N PRO C 106 4.20 5.78 -22.91
CA PRO C 106 5.11 6.60 -22.09
C PRO C 106 6.54 6.10 -22.19
N THR C 107 7.48 7.02 -22.33
CA THR C 107 8.89 6.62 -22.40
C THR C 107 9.23 5.92 -21.09
N LEU C 108 10.38 5.25 -21.06
CA LEU C 108 10.82 4.57 -19.85
C LEU C 108 10.95 5.61 -18.73
N VAL C 109 11.60 6.73 -19.05
CA VAL C 109 11.83 7.83 -18.11
C VAL C 109 10.53 8.25 -17.43
N ASN C 110 9.49 8.45 -18.24
CA ASN C 110 8.17 8.84 -17.75
C ASN C 110 7.66 7.82 -16.73
N SER C 111 7.53 6.57 -17.16
CA SER C 111 7.04 5.50 -16.29
C SER C 111 7.80 5.47 -14.99
N ALA C 112 9.13 5.47 -15.12
CA ALA C 112 10.02 5.43 -13.99
C ALA C 112 9.76 6.58 -13.00
N TYR C 113 9.68 7.81 -13.51
CA TYR C 113 9.45 8.97 -12.65
C TYR C 113 8.14 8.82 -11.90
N MET C 114 7.07 8.48 -12.61
CA MET C 114 5.80 8.31 -11.93
C MET C 114 5.89 7.18 -10.88
N ASP C 115 6.66 6.13 -11.19
CA ASP C 115 6.79 5.01 -10.25
C ASP C 115 7.55 5.41 -9.02
N PHE C 116 8.56 6.27 -9.20
CA PHE C 116 9.34 6.78 -8.08
C PHE C 116 8.38 7.56 -7.15
N MET C 117 7.49 8.33 -7.74
CA MET C 117 6.53 9.11 -6.95
C MET C 117 5.63 8.17 -6.12
N LEU C 118 5.01 7.22 -6.79
CA LEU C 118 4.11 6.28 -6.14
C LEU C 118 4.84 5.45 -5.11
N ALA C 119 6.00 4.93 -5.47
CA ALA C 119 6.79 4.10 -4.57
C ALA C 119 7.18 4.87 -3.30
N THR C 120 7.55 6.14 -3.47
CA THR C 120 7.95 6.95 -2.33
C THR C 120 6.75 7.28 -1.45
N ALA C 121 5.61 7.56 -2.05
CA ALA C 121 4.38 7.81 -1.27
C ALA C 121 4.03 6.55 -0.46
N TYR C 122 4.20 5.38 -1.06
CA TYR C 122 3.88 4.11 -0.38
C TYR C 122 4.80 3.77 0.78
N LYS C 123 6.10 3.82 0.56
CA LYS C 123 7.00 3.45 1.63
C LYS C 123 7.30 4.47 2.70
N GLY C 124 7.18 5.77 2.39
CA GLY C 124 7.51 6.78 3.38
C GLY C 124 6.35 7.46 4.05
N ASN C 125 6.63 8.28 5.07
CA ASN C 125 5.58 9.02 5.76
C ASN C 125 5.07 10.10 4.79
N ILE C 126 4.14 10.95 5.22
CA ILE C 126 3.59 11.95 4.32
C ILE C 126 4.60 13.01 3.88
N ILE C 127 5.50 13.39 4.77
CA ILE C 127 6.52 14.39 4.43
C ILE C 127 7.44 13.86 3.35
N GLU C 128 7.77 12.57 3.45
CA GLU C 128 8.64 11.97 2.45
C GLU C 128 7.89 11.86 1.12
N GLY C 129 6.60 11.57 1.19
CA GLY C 129 5.82 11.44 -0.03
C GLY C 129 5.73 12.80 -0.70
N LEU C 130 5.36 13.83 0.05
CA LEU C 130 5.25 15.18 -0.50
C LEU C 130 6.60 15.66 -1.05
N THR C 131 7.68 15.35 -0.34
CA THR C 131 9.01 15.75 -0.79
C THR C 131 9.32 15.13 -2.16
N ALA C 132 8.75 13.97 -2.44
CA ALA C 132 8.99 13.34 -3.73
C ALA C 132 8.26 14.08 -4.84
N LEU C 133 7.29 14.91 -4.46
CA LEU C 133 6.50 15.67 -5.41
C LEU C 133 6.91 17.16 -5.50
N LEU C 134 7.73 17.61 -4.56
CA LEU C 134 8.12 19.02 -4.55
C LEU C 134 8.95 19.43 -5.76
N PRO C 135 9.94 18.61 -6.15
CA PRO C 135 10.71 19.04 -7.33
C PRO C 135 9.73 19.33 -8.47
N CYS C 136 8.72 18.49 -8.61
CA CYS C 136 7.71 18.69 -9.66
C CYS C 136 7.05 20.07 -9.55
N PHE C 137 6.27 20.26 -8.50
CA PHE C 137 5.56 21.52 -8.29
C PHE C 137 6.47 22.74 -8.25
N TRP C 138 7.54 22.65 -7.46
CA TRP C 138 8.47 23.76 -7.26
C TRP C 138 9.31 24.17 -8.48
N SER C 139 9.95 23.21 -9.13
CA SER C 139 10.77 23.53 -10.28
C SER C 139 10.00 24.17 -11.44
N TYR C 140 8.74 23.80 -11.63
CA TYR C 140 7.96 24.38 -12.73
C TYR C 140 7.72 25.87 -12.47
N ALA C 141 7.59 26.25 -11.21
CA ALA C 141 7.39 27.64 -10.85
C ALA C 141 8.71 28.39 -10.99
N GLU C 142 9.80 27.76 -10.53
CA GLU C 142 11.13 28.39 -10.61
C GLU C 142 11.57 28.60 -12.05
N ILE C 143 11.26 27.61 -12.89
CA ILE C 143 11.63 27.69 -14.30
C ILE C 143 10.94 28.91 -14.93
N ALA C 144 9.64 29.06 -14.67
CA ALA C 144 8.88 30.18 -15.22
C ALA C 144 9.45 31.49 -14.69
N GLU C 145 9.68 31.56 -13.38
CA GLU C 145 10.23 32.77 -12.79
C GLU C 145 11.57 33.06 -13.47
N TYR C 146 12.38 32.03 -13.65
CA TYR C 146 13.70 32.15 -14.27
C TYR C 146 13.67 32.68 -15.71
N HIS C 147 12.65 32.28 -16.48
CA HIS C 147 12.52 32.69 -17.87
C HIS C 147 11.36 33.68 -18.07
N LYS C 148 10.94 34.31 -16.99
CA LYS C 148 9.83 35.25 -16.99
C LYS C 148 9.87 36.28 -18.12
N ASP C 149 11.02 36.92 -18.30
CA ASP C 149 11.18 37.93 -19.36
C ASP C 149 10.98 37.33 -20.76
N LYS C 150 11.65 36.20 -21.03
CA LYS C 150 11.53 35.54 -22.32
C LYS C 150 10.08 35.16 -22.61
N LEU C 151 9.34 34.80 -21.56
CA LEU C 151 7.95 34.41 -21.73
C LEU C 151 7.12 35.60 -22.17
N ARG C 152 7.20 36.69 -21.42
CA ARG C 152 6.42 37.89 -21.72
C ARG C 152 6.74 38.41 -23.12
N ASP C 153 7.71 37.78 -23.78
CA ASP C 153 8.10 38.21 -25.11
C ASP C 153 8.09 37.06 -26.12
N ASN C 154 7.53 35.92 -25.73
CA ASN C 154 7.46 34.74 -26.58
C ASN C 154 6.48 34.95 -27.76
N PRO C 155 6.94 34.71 -28.99
CA PRO C 155 6.11 34.87 -30.20
C PRO C 155 4.91 33.93 -30.27
N ILE C 156 5.09 32.69 -29.82
CA ILE C 156 4.05 31.66 -29.87
C ILE C 156 3.02 31.68 -28.74
N LYS C 157 1.79 32.08 -29.08
CA LYS C 157 0.70 32.18 -28.11
C LYS C 157 0.45 30.96 -27.23
N ILE C 158 0.51 29.77 -27.81
CA ILE C 158 0.28 28.55 -27.05
C ILE C 158 1.33 28.40 -25.95
N TYR C 159 2.58 28.68 -26.29
CA TYR C 159 3.66 28.61 -25.32
C TYR C 159 3.43 29.63 -24.23
N ARG C 160 2.97 30.81 -24.60
CA ARG C 160 2.73 31.86 -23.61
C ARG C 160 1.63 31.46 -22.65
N GLU C 161 0.52 30.95 -23.18
CA GLU C 161 -0.58 30.54 -22.32
C GLU C 161 -0.04 29.48 -21.36
N TRP C 162 0.61 28.49 -21.94
CA TRP C 162 1.21 27.38 -21.19
C TRP C 162 2.06 27.87 -20.03
N GLY C 163 2.99 28.77 -20.32
CA GLY C 163 3.89 29.28 -19.30
C GLY C 163 3.29 30.12 -18.20
N LYS C 164 2.39 31.05 -18.56
CA LYS C 164 1.77 31.96 -17.60
C LYS C 164 1.17 31.24 -16.39
N VAL C 165 0.72 30.01 -16.58
CA VAL C 165 0.10 29.26 -15.49
C VAL C 165 1.00 29.19 -14.26
N TYR C 166 2.30 28.99 -14.49
CA TYR C 166 3.23 28.84 -13.38
C TYR C 166 3.63 30.13 -12.66
N LEU C 167 3.32 31.28 -13.24
CA LEU C 167 3.64 32.55 -12.59
C LEU C 167 2.45 33.10 -11.78
N SER C 168 1.28 32.49 -11.93
CA SER C 168 0.10 32.96 -11.22
C SER C 168 0.27 32.86 -9.70
N ASN C 169 -0.44 33.71 -8.96
CA ASN C 169 -0.36 33.72 -7.50
C ASN C 169 -0.90 32.42 -6.92
N GLU C 170 -1.92 31.88 -7.57
CA GLU C 170 -2.54 30.66 -7.10
C GLU C 170 -1.54 29.50 -7.17
N TYR C 171 -0.83 29.38 -8.28
CA TYR C 171 0.13 28.31 -8.43
C TYR C 171 1.28 28.52 -7.44
N LEU C 172 1.70 29.77 -7.32
CA LEU C 172 2.78 30.12 -6.41
C LEU C 172 2.38 29.88 -4.96
N ASN C 173 1.12 30.12 -4.64
CA ASN C 173 0.68 29.93 -3.27
C ASN C 173 0.56 28.44 -2.95
N LEU C 174 0.22 27.64 -3.96
CA LEU C 174 0.09 26.20 -3.78
C LEU C 174 1.48 25.61 -3.46
N VAL C 175 2.49 25.98 -4.25
CA VAL C 175 3.83 25.47 -3.98
C VAL C 175 4.26 25.97 -2.58
N GLY C 176 3.94 27.22 -2.26
CA GLY C 176 4.28 27.76 -0.97
C GLY C 176 3.70 26.89 0.13
N ARG C 177 2.43 26.55 -0.01
CA ARG C 177 1.75 25.69 0.96
C ARG C 177 2.41 24.29 1.07
N LEU C 178 2.82 23.72 -0.05
CA LEU C 178 3.46 22.40 0.01
C LEU C 178 4.77 22.52 0.80
N ARG C 179 5.50 23.62 0.61
CA ARG C 179 6.76 23.83 1.31
C ARG C 179 6.52 24.07 2.80
N LYS C 180 5.41 24.72 3.13
CA LYS C 180 5.07 25.00 4.51
C LYS C 180 4.83 23.70 5.26
N ILE C 181 4.10 22.80 4.62
CA ILE C 181 3.84 21.51 5.23
C ILE C 181 5.15 20.79 5.48
N ILE C 182 5.99 20.66 4.46
CA ILE C 182 7.28 19.99 4.65
C ILE C 182 8.13 20.70 5.71
N ASP C 183 8.17 22.03 5.68
CA ASP C 183 8.98 22.78 6.64
C ASP C 183 8.52 22.79 8.08
N SER C 184 7.24 22.52 8.33
CA SER C 184 6.74 22.51 9.71
C SER C 184 6.94 21.15 10.35
N SER C 185 7.65 20.26 9.65
CA SER C 185 7.90 18.91 10.15
C SER C 185 9.16 18.86 10.99
N GLY C 186 9.49 17.66 11.46
CA GLY C 186 10.66 17.46 12.29
C GLY C 186 12.00 17.86 11.67
N HIS C 187 12.95 18.21 12.53
CA HIS C 187 14.28 18.60 12.11
C HIS C 187 15.13 17.41 11.68
N SER C 188 14.80 16.22 12.18
CA SER C 188 15.57 15.03 11.86
C SER C 188 15.12 14.35 10.57
N GLY C 189 15.84 13.29 10.19
CA GLY C 189 15.50 12.56 8.98
C GLY C 189 15.73 13.39 7.73
N TYR C 190 16.51 14.45 7.83
CA TYR C 190 16.75 15.29 6.66
C TYR C 190 17.39 14.53 5.50
N ASP C 191 18.40 13.71 5.80
CA ASP C 191 19.09 12.96 4.77
C ASP C 191 18.18 12.17 3.84
N ARG C 192 17.12 11.57 4.37
CA ARG C 192 16.19 10.83 3.52
C ARG C 192 15.47 11.81 2.60
N LEU C 193 15.06 12.96 3.14
CA LEU C 193 14.39 13.98 2.34
C LEU C 193 15.32 14.46 1.24
N ARG C 194 16.59 14.66 1.60
CA ARG C 194 17.57 15.12 0.62
C ARG C 194 17.66 14.18 -0.58
N ARG C 195 17.84 12.88 -0.31
CA ARG C 195 17.96 11.90 -1.39
C ARG C 195 16.69 11.83 -2.23
N ILE C 196 15.55 11.91 -1.58
CA ILE C 196 14.27 11.88 -2.30
C ILE C 196 14.15 13.09 -3.21
N PHE C 197 14.45 14.26 -2.65
CA PHE C 197 14.34 15.50 -3.43
C PHE C 197 15.35 15.50 -4.58
N ILE C 198 16.56 15.01 -4.34
CA ILE C 198 17.55 15.00 -5.42
C ILE C 198 17.15 14.03 -6.52
N THR C 199 16.57 12.90 -6.13
CA THR C 199 16.13 11.93 -7.12
C THR C 199 15.02 12.55 -7.98
N GLY C 200 14.08 13.23 -7.32
CA GLY C 200 13.00 13.86 -8.05
C GLY C 200 13.53 14.92 -9.01
N SER C 201 14.55 15.63 -8.57
CA SER C 201 15.15 16.67 -9.40
C SER C 201 15.83 16.06 -10.63
N LYS C 202 16.49 14.92 -10.44
CA LYS C 202 17.14 14.24 -11.56
C LYS C 202 16.10 13.79 -12.58
N PHE C 203 14.99 13.24 -12.07
CA PHE C 203 13.92 12.81 -12.96
C PHE C 203 13.39 13.98 -13.77
N GLU C 204 13.26 15.14 -13.14
CA GLU C 204 12.77 16.33 -13.84
C GLU C 204 13.69 16.66 -15.01
N LEU C 205 14.99 16.66 -14.76
CA LEU C 205 15.97 16.93 -15.80
C LEU C 205 15.85 15.88 -16.90
N ALA C 206 15.77 14.62 -16.46
CA ALA C 206 15.66 13.50 -17.39
C ALA C 206 14.40 13.63 -18.24
N PHE C 207 13.34 14.13 -17.64
CA PHE C 207 12.09 14.28 -18.35
C PHE C 207 12.22 15.29 -19.50
N TRP C 208 12.87 16.42 -19.22
CA TRP C 208 13.06 17.43 -20.24
C TRP C 208 13.93 16.81 -21.33
N GLU C 209 14.97 16.09 -20.91
CA GLU C 209 15.89 15.48 -21.85
C GLU C 209 15.20 14.51 -22.78
N MET C 210 14.30 13.68 -22.26
CA MET C 210 13.62 12.72 -23.12
C MET C 210 12.61 13.44 -24.01
N ALA C 211 12.11 14.58 -23.54
CA ALA C 211 11.18 15.35 -24.35
C ALA C 211 11.99 15.98 -25.48
N TRP C 212 13.25 16.30 -25.21
CA TRP C 212 14.14 16.89 -26.21
C TRP C 212 14.54 15.84 -27.23
N ARG C 213 14.82 14.63 -26.75
CA ARG C 213 15.22 13.53 -27.62
C ARG C 213 14.04 12.92 -28.37
N GLY C 214 12.83 13.07 -27.84
CA GLY C 214 11.67 12.51 -28.50
C GLY C 214 11.71 11.00 -28.34
N GLY C 215 12.25 10.56 -27.20
CA GLY C 215 12.37 9.15 -26.90
C GLY C 215 13.36 9.01 -25.76
N VAL D 3 -27.65 -14.24 -13.58
CA VAL D 3 -27.82 -13.49 -12.30
C VAL D 3 -26.62 -12.59 -12.03
N MET D 4 -26.88 -11.30 -11.90
CA MET D 4 -25.81 -10.33 -11.64
C MET D 4 -25.16 -10.45 -10.28
N ILE D 5 -23.85 -10.24 -10.26
CA ILE D 5 -23.04 -10.35 -9.05
C ILE D 5 -23.69 -9.67 -7.85
N THR D 6 -24.05 -8.42 -8.03
CA THR D 6 -24.69 -7.65 -6.97
C THR D 6 -25.96 -8.30 -6.40
N ASP D 7 -26.82 -8.84 -7.27
CA ASP D 7 -28.05 -9.49 -6.79
C ASP D 7 -27.69 -10.75 -6.00
N LYS D 8 -26.59 -11.39 -6.39
CA LYS D 8 -26.13 -12.60 -5.72
C LYS D 8 -25.66 -12.22 -4.31
N LEU D 9 -24.85 -11.17 -4.22
CA LEU D 9 -24.34 -10.70 -2.93
C LEU D 9 -25.51 -10.39 -1.99
N ARG D 10 -26.51 -9.68 -2.49
CA ARG D 10 -27.71 -9.33 -1.71
C ARG D 10 -28.36 -10.65 -1.22
N ARG D 11 -28.49 -11.61 -2.13
CA ARG D 11 -29.09 -12.92 -1.78
C ARG D 11 -28.34 -13.68 -0.69
N ASP D 12 -27.01 -13.70 -0.80
CA ASP D 12 -26.22 -14.44 0.17
C ASP D 12 -25.99 -13.72 1.51
N SER D 13 -26.51 -12.51 1.66
CA SER D 13 -26.37 -11.75 2.90
C SER D 13 -27.76 -11.33 3.38
N GLU D 14 -28.76 -11.97 2.81
CA GLU D 14 -30.16 -11.71 3.09
C GLU D 14 -30.55 -11.73 4.59
N GLN D 15 -30.13 -12.77 5.30
CA GLN D 15 -30.40 -12.91 6.74
C GLN D 15 -29.84 -11.73 7.53
N ILE D 16 -28.68 -11.24 7.12
CA ILE D 16 -28.05 -10.16 7.82
C ILE D 16 -28.76 -8.81 7.60
N TRP D 17 -29.13 -8.52 6.34
CA TRP D 17 -29.81 -7.28 5.99
C TRP D 17 -31.19 -7.24 6.66
N LYS D 18 -31.81 -8.41 6.85
CA LYS D 18 -33.11 -8.44 7.52
C LYS D 18 -32.87 -7.92 8.94
N LYS D 19 -31.72 -8.28 9.54
CA LYS D 19 -31.44 -7.83 10.90
C LYS D 19 -31.12 -6.32 10.93
N ILE D 20 -30.53 -5.79 9.86
CA ILE D 20 -30.23 -4.36 9.80
C ILE D 20 -31.54 -3.56 9.72
N PHE D 21 -32.42 -3.98 8.81
CA PHE D 21 -33.72 -3.33 8.62
C PHE D 21 -34.55 -3.22 9.90
N GLU D 22 -34.52 -4.26 10.72
CA GLU D 22 -35.31 -4.25 11.95
C GLU D 22 -34.50 -3.92 13.21
N HIS D 23 -33.25 -3.49 13.05
CA HIS D 23 -32.47 -3.15 14.23
C HIS D 23 -33.17 -2.00 14.96
N PRO D 24 -33.26 -2.06 16.31
CA PRO D 24 -33.92 -1.01 17.08
C PRO D 24 -33.45 0.42 16.79
N PHE D 25 -32.15 0.59 16.55
CA PHE D 25 -31.64 1.94 16.26
C PHE D 25 -32.26 2.44 14.96
N VAL D 26 -32.19 1.59 13.94
CA VAL D 26 -32.73 1.93 12.63
C VAL D 26 -34.24 2.19 12.73
N VAL D 27 -34.98 1.23 13.27
CA VAL D 27 -36.43 1.38 13.41
C VAL D 27 -36.86 2.65 14.10
N GLN D 28 -36.29 2.92 15.27
CA GLN D 28 -36.64 4.11 16.02
C GLN D 28 -36.20 5.40 15.34
N LEU D 29 -35.08 5.38 14.64
CA LEU D 29 -34.60 6.59 13.96
C LEU D 29 -35.64 6.96 12.92
N TYR D 30 -36.06 5.99 12.12
CA TYR D 30 -37.03 6.25 11.06
C TYR D 30 -38.45 6.51 11.56
N SER D 31 -38.79 5.94 12.71
CA SER D 31 -40.13 6.14 13.27
C SER D 31 -40.17 7.46 14.03
N GLY D 32 -39.03 7.92 14.54
CA GLY D 32 -38.98 9.18 15.25
C GLY D 32 -38.91 9.02 16.75
N THR D 33 -38.89 7.78 17.20
CA THR D 33 -38.84 7.45 18.62
C THR D 33 -37.44 7.47 19.24
N LEU D 34 -36.41 7.51 18.38
CA LEU D 34 -35.03 7.49 18.87
C LEU D 34 -34.67 8.67 19.78
N PRO D 35 -34.21 8.40 21.01
CA PRO D 35 -33.84 9.50 21.91
C PRO D 35 -32.72 10.32 21.24
N LEU D 36 -32.87 11.64 21.21
CA LEU D 36 -31.89 12.48 20.55
C LEU D 36 -30.46 12.19 20.97
N GLU D 37 -30.25 11.80 22.21
CA GLU D 37 -28.91 11.50 22.68
C GLU D 37 -28.29 10.32 21.94
N LYS D 38 -29.06 9.27 21.72
CA LYS D 38 -28.53 8.11 21.00
C LYS D 38 -28.13 8.55 19.61
N PHE D 39 -28.94 9.40 19.00
CA PHE D 39 -28.66 9.89 17.66
C PHE D 39 -27.36 10.68 17.65
N LYS D 40 -27.18 11.53 18.65
CA LYS D 40 -25.99 12.36 18.74
C LYS D 40 -24.73 11.49 18.85
N PHE D 41 -24.84 10.41 19.63
CA PHE D 41 -23.71 9.48 19.78
C PHE D 41 -23.36 8.90 18.43
N TYR D 42 -24.39 8.50 17.68
CA TYR D 42 -24.21 7.91 16.35
C TYR D 42 -23.54 8.90 15.41
N VAL D 43 -24.11 10.10 15.34
CA VAL D 43 -23.58 11.14 14.47
C VAL D 43 -22.13 11.53 14.78
N LEU D 44 -21.69 11.37 16.02
CA LEU D 44 -20.30 11.71 16.37
C LEU D 44 -19.35 10.63 15.88
N GLN D 45 -19.85 9.39 15.87
CA GLN D 45 -19.05 8.28 15.38
C GLN D 45 -18.94 8.35 13.85
N ASP D 46 -19.86 9.08 13.21
CA ASP D 46 -19.84 9.20 11.76
C ASP D 46 -18.61 9.92 11.21
N PHE D 47 -17.94 10.72 12.03
CA PHE D 47 -16.76 11.42 11.52
C PHE D 47 -15.72 10.41 11.07
N ASN D 48 -15.42 9.45 11.94
CA ASN D 48 -14.43 8.41 11.64
C ASN D 48 -14.84 7.66 10.38
N TYR D 49 -16.15 7.47 10.24
CA TYR D 49 -16.71 6.75 9.11
C TYR D 49 -16.46 7.52 7.82
N LEU D 50 -16.69 8.83 7.85
CA LEU D 50 -16.48 9.69 6.69
C LEU D 50 -15.01 9.67 6.26
N VAL D 51 -14.12 9.79 7.23
CA VAL D 51 -12.69 9.77 6.95
C VAL D 51 -12.27 8.39 6.42
N GLY D 52 -12.69 7.34 7.11
CA GLY D 52 -12.34 5.99 6.70
C GLY D 52 -12.78 5.67 5.28
N LEU D 53 -14.00 6.07 4.95
CA LEU D 53 -14.56 5.85 3.62
C LEU D 53 -13.66 6.54 2.60
N THR D 54 -13.22 7.74 2.95
CA THR D 54 -12.36 8.53 2.08
C THR D 54 -11.00 7.84 1.90
N ARG D 55 -10.42 7.34 2.98
CA ARG D 55 -9.13 6.64 2.88
C ARG D 55 -9.20 5.45 1.94
N ALA D 56 -10.21 4.59 2.13
CA ALA D 56 -10.34 3.40 1.28
C ALA D 56 -10.54 3.79 -0.18
N LEU D 57 -11.37 4.81 -0.44
CA LEU D 57 -11.62 5.24 -1.82
C LEU D 57 -10.32 5.78 -2.45
N ALA D 58 -9.48 6.44 -1.65
CA ALA D 58 -8.22 6.98 -2.16
C ALA D 58 -7.33 5.82 -2.59
N VAL D 59 -7.28 4.78 -1.78
CA VAL D 59 -6.47 3.61 -2.13
C VAL D 59 -7.03 2.97 -3.40
N ILE D 60 -8.34 2.73 -3.46
CA ILE D 60 -8.89 2.11 -4.67
C ILE D 60 -8.55 2.93 -5.92
N SER D 61 -8.74 4.24 -5.85
CA SER D 61 -8.44 5.09 -7.01
C SER D 61 -6.95 5.09 -7.37
N SER D 62 -6.09 5.02 -6.36
CA SER D 62 -4.63 4.99 -6.59
C SER D 62 -4.26 3.78 -7.45
N LYS D 63 -5.11 2.75 -7.43
CA LYS D 63 -4.85 1.53 -8.18
C LYS D 63 -5.68 1.36 -9.45
N ALA D 64 -6.68 2.21 -9.63
CA ALA D 64 -7.55 2.07 -10.80
C ALA D 64 -7.05 2.70 -12.10
N GLU D 65 -7.64 2.27 -13.20
CA GLU D 65 -7.30 2.79 -14.52
C GLU D 65 -8.08 4.08 -14.68
N TYR D 66 -7.59 4.95 -15.55
CA TYR D 66 -8.30 6.18 -15.85
C TYR D 66 -9.29 5.73 -16.92
N PRO D 67 -10.51 6.28 -16.96
CA PRO D 67 -11.14 7.31 -16.13
C PRO D 67 -11.77 6.90 -14.80
N LEU D 68 -11.78 5.61 -14.49
CA LEU D 68 -12.40 5.17 -13.23
C LEU D 68 -11.72 5.79 -12.01
N MET D 69 -10.40 5.90 -12.06
CA MET D 69 -9.69 6.48 -10.93
C MET D 69 -10.13 7.92 -10.74
N ALA D 70 -10.48 8.59 -11.83
CA ALA D 70 -10.92 9.97 -11.74
C ALA D 70 -12.29 10.02 -11.07
N GLU D 71 -13.17 9.12 -11.48
CA GLU D 71 -14.51 9.01 -10.92
C GLU D 71 -14.48 8.66 -9.43
N LEU D 72 -13.58 7.75 -9.05
CA LEU D 72 -13.45 7.35 -7.64
C LEU D 72 -12.87 8.46 -6.76
N ILE D 73 -11.89 9.17 -7.29
CA ILE D 73 -11.27 10.26 -6.54
C ILE D 73 -12.26 11.41 -6.30
N GLU D 74 -13.18 11.61 -7.24
CA GLU D 74 -14.19 12.64 -7.12
C GLU D 74 -15.08 12.28 -5.94
N LEU D 75 -15.39 11.00 -5.83
CA LEU D 75 -16.23 10.52 -4.74
C LEU D 75 -15.52 10.69 -3.40
N ALA D 76 -14.23 10.39 -3.37
CA ALA D 76 -13.43 10.49 -2.14
C ALA D 76 -13.37 11.96 -1.73
N ARG D 77 -13.17 12.81 -2.72
CA ARG D 77 -13.08 14.24 -2.50
C ARG D 77 -14.40 14.76 -1.95
N ASP D 78 -15.50 14.33 -2.53
CA ASP D 78 -16.80 14.77 -2.06
C ASP D 78 -17.06 14.39 -0.59
N GLU D 79 -16.59 13.21 -0.19
CA GLU D 79 -16.77 12.76 1.21
C GLU D 79 -16.17 13.72 2.22
N VAL D 80 -14.93 14.14 2.00
CA VAL D 80 -14.25 15.02 2.93
C VAL D 80 -14.41 16.49 2.65
N THR D 81 -15.23 16.81 1.65
CA THR D 81 -15.48 18.19 1.25
C THR D 81 -16.96 18.52 1.45
N VAL D 82 -17.72 18.29 0.38
CA VAL D 82 -19.15 18.54 0.39
C VAL D 82 -19.86 17.86 1.56
N GLU D 83 -19.55 16.58 1.79
CA GLU D 83 -20.19 15.85 2.87
C GLU D 83 -19.77 16.31 4.26
N VAL D 84 -18.58 16.87 4.36
CA VAL D 84 -18.12 17.38 5.65
C VAL D 84 -18.97 18.61 5.98
N GLU D 85 -19.24 19.44 4.98
CA GLU D 85 -20.05 20.64 5.17
C GLU D 85 -21.47 20.26 5.61
N ASN D 86 -22.04 19.25 4.96
CA ASN D 86 -23.39 18.81 5.31
C ASN D 86 -23.37 18.26 6.72
N TYR D 87 -22.29 17.56 7.04
CA TYR D 87 -22.13 16.95 8.34
C TYR D 87 -21.96 18.00 9.43
N VAL D 88 -21.20 19.04 9.14
CA VAL D 88 -21.00 20.11 10.11
C VAL D 88 -22.36 20.76 10.36
N LYS D 89 -23.13 20.90 9.28
CA LYS D 89 -24.45 21.49 9.31
C LYS D 89 -25.39 20.65 10.17
N LEU D 90 -25.19 19.32 10.15
CA LEU D 90 -26.01 18.41 10.93
C LEU D 90 -25.60 18.57 12.38
N LEU D 91 -24.29 18.65 12.60
CA LEU D 91 -23.75 18.80 13.94
C LEU D 91 -24.33 20.05 14.59
N LYS D 92 -24.44 21.13 13.81
CA LYS D 92 -24.97 22.37 14.31
C LYS D 92 -26.36 22.13 14.88
N GLU D 93 -27.23 21.57 14.04
CA GLU D 93 -28.60 21.25 14.44
C GLU D 93 -28.66 20.49 15.75
N LEU D 94 -27.59 19.77 16.07
CA LEU D 94 -27.56 18.99 17.30
C LEU D 94 -26.75 19.67 18.38
N ASP D 95 -26.45 20.96 18.18
CA ASP D 95 -25.65 21.73 19.13
C ASP D 95 -24.28 21.08 19.34
N LEU D 96 -23.63 20.72 18.23
CA LEU D 96 -22.32 20.11 18.27
C LEU D 96 -21.46 20.80 17.23
N THR D 97 -20.14 20.62 17.34
CA THR D 97 -19.19 21.22 16.42
C THR D 97 -18.23 20.17 15.86
N LEU D 98 -17.62 20.47 14.72
CA LEU D 98 -16.69 19.52 14.11
C LEU D 98 -15.64 19.09 15.13
N GLU D 99 -15.20 20.02 15.97
CA GLU D 99 -14.19 19.70 16.98
C GLU D 99 -14.69 18.61 17.90
N ASP D 100 -15.98 18.66 18.27
CA ASP D 100 -16.57 17.64 19.12
C ASP D 100 -16.41 16.32 18.38
N ALA D 101 -16.71 16.33 17.09
CA ALA D 101 -16.61 15.13 16.27
C ALA D 101 -15.15 14.68 16.17
N ILE D 102 -14.28 15.63 15.86
CA ILE D 102 -12.86 15.32 15.72
C ILE D 102 -12.26 14.74 17.00
N LYS D 103 -12.71 15.19 18.15
CA LYS D 103 -12.18 14.68 19.41
C LYS D 103 -12.89 13.43 19.93
N THR D 104 -13.92 12.99 19.22
CA THR D 104 -14.63 11.79 19.66
C THR D 104 -13.79 10.56 19.44
N GLU D 105 -13.77 9.68 20.43
CA GLU D 105 -13.00 8.45 20.33
C GLU D 105 -13.84 7.38 19.62
N PRO D 106 -13.37 6.92 18.45
CA PRO D 106 -14.13 5.89 17.72
C PRO D 106 -14.17 4.59 18.51
N THR D 107 -15.31 3.90 18.46
CA THR D 107 -15.45 2.61 19.15
C THR D 107 -14.59 1.60 18.41
N LEU D 108 -14.40 0.42 19.01
CA LEU D 108 -13.61 -0.65 18.39
C LEU D 108 -14.25 -1.05 17.05
N VAL D 109 -15.58 -1.15 17.02
CA VAL D 109 -16.32 -1.53 15.82
C VAL D 109 -16.11 -0.48 14.72
N ASN D 110 -16.12 0.79 15.11
CA ASN D 110 -15.91 1.88 14.17
C ASN D 110 -14.54 1.70 13.52
N SER D 111 -13.49 1.65 14.34
CA SER D 111 -12.12 1.50 13.85
C SER D 111 -11.98 0.25 13.00
N ALA D 112 -12.54 -0.85 13.51
CA ALA D 112 -12.51 -2.13 12.84
C ALA D 112 -13.11 -2.07 11.43
N TYR D 113 -14.29 -1.48 11.32
CA TYR D 113 -15.00 -1.37 10.06
C TYR D 113 -14.18 -0.57 9.04
N MET D 114 -13.66 0.57 9.46
CA MET D 114 -12.87 1.39 8.56
C MET D 114 -11.56 0.69 8.19
N ASP D 115 -10.96 -0.05 9.13
CA ASP D 115 -9.71 -0.77 8.82
C ASP D 115 -10.00 -1.88 7.83
N PHE D 116 -11.20 -2.47 7.94
CA PHE D 116 -11.61 -3.54 7.03
C PHE D 116 -11.73 -2.94 5.61
N MET D 117 -12.33 -1.76 5.50
CA MET D 117 -12.46 -1.12 4.18
C MET D 117 -11.08 -0.84 3.59
N LEU D 118 -10.19 -0.23 4.37
CA LEU D 118 -8.85 0.10 3.88
C LEU D 118 -8.07 -1.16 3.55
N ALA D 119 -8.09 -2.13 4.47
CA ALA D 119 -7.36 -3.37 4.25
C ALA D 119 -7.82 -4.09 3.00
N THR D 120 -9.13 -4.09 2.75
CA THR D 120 -9.65 -4.79 1.58
C THR D 120 -9.24 -4.04 0.31
N ALA D 121 -9.25 -2.71 0.37
CA ALA D 121 -8.86 -1.91 -0.76
C ALA D 121 -7.37 -2.19 -1.05
N TYR D 122 -6.55 -2.26 0.00
CA TYR D 122 -5.12 -2.53 -0.18
C TYR D 122 -4.77 -3.89 -0.79
N LYS D 123 -5.29 -4.98 -0.23
CA LYS D 123 -4.93 -6.28 -0.78
C LYS D 123 -5.71 -6.74 -2.01
N GLY D 124 -6.91 -6.20 -2.19
CA GLY D 124 -7.73 -6.59 -3.32
C GLY D 124 -7.72 -5.70 -4.55
N ASN D 125 -8.23 -6.24 -5.66
CA ASN D 125 -8.29 -5.47 -6.89
C ASN D 125 -9.43 -4.45 -6.75
N ILE D 126 -9.63 -3.68 -7.80
CA ILE D 126 -10.67 -2.66 -7.82
C ILE D 126 -12.06 -3.14 -7.43
N ILE D 127 -12.47 -4.29 -7.94
CA ILE D 127 -13.80 -4.80 -7.64
C ILE D 127 -13.94 -5.25 -6.18
N GLU D 128 -12.87 -5.84 -5.65
CA GLU D 128 -12.91 -6.28 -4.26
C GLU D 128 -12.99 -5.07 -3.33
N GLY D 129 -12.17 -4.06 -3.60
CA GLY D 129 -12.19 -2.86 -2.78
C GLY D 129 -13.57 -2.22 -2.77
N LEU D 130 -14.15 -2.05 -3.96
CA LEU D 130 -15.47 -1.44 -4.08
C LEU D 130 -16.55 -2.27 -3.41
N THR D 131 -16.44 -3.60 -3.49
CA THR D 131 -17.41 -4.49 -2.88
C THR D 131 -17.41 -4.32 -1.36
N ALA D 132 -16.25 -4.03 -0.79
CA ALA D 132 -16.15 -3.83 0.65
C ALA D 132 -16.93 -2.57 1.07
N LEU D 133 -17.18 -1.66 0.12
CA LEU D 133 -17.93 -0.44 0.39
C LEU D 133 -19.39 -0.52 -0.04
N LEU D 134 -19.75 -1.54 -0.80
CA LEU D 134 -21.13 -1.63 -1.27
C LEU D 134 -22.16 -1.79 -0.14
N PRO D 135 -21.89 -2.66 0.86
CA PRO D 135 -22.89 -2.80 1.92
C PRO D 135 -23.23 -1.42 2.49
N CYS D 136 -22.21 -0.61 2.70
CA CYS D 136 -22.37 0.76 3.20
C CYS D 136 -23.34 1.54 2.31
N PHE D 137 -22.91 1.84 1.09
CA PHE D 137 -23.72 2.62 0.17
C PHE D 137 -25.12 2.08 -0.10
N TRP D 138 -25.20 0.80 -0.44
CA TRP D 138 -26.46 0.15 -0.76
C TRP D 138 -27.41 -0.06 0.41
N SER D 139 -26.92 -0.54 1.55
CA SER D 139 -27.82 -0.76 2.66
C SER D 139 -28.47 0.52 3.13
N TYR D 140 -27.73 1.64 3.11
CA TYR D 140 -28.32 2.91 3.55
C TYR D 140 -29.51 3.29 2.67
N ALA D 141 -29.46 2.94 1.39
CA ALA D 141 -30.57 3.24 0.47
C ALA D 141 -31.73 2.24 0.70
N GLU D 142 -31.40 0.97 0.92
CA GLU D 142 -32.42 -0.06 1.13
C GLU D 142 -33.18 0.18 2.41
N ILE D 143 -32.47 0.62 3.43
CA ILE D 143 -33.09 0.91 4.72
C ILE D 143 -34.13 2.02 4.64
N ALA D 144 -33.78 3.12 3.97
CA ALA D 144 -34.73 4.23 3.82
C ALA D 144 -35.94 3.81 2.97
N GLU D 145 -35.70 3.03 1.91
CA GLU D 145 -36.78 2.55 1.05
C GLU D 145 -37.73 1.68 1.89
N TYR D 146 -37.14 0.81 2.69
CA TYR D 146 -37.85 -0.11 3.56
C TYR D 146 -38.73 0.64 4.56
N HIS D 147 -38.17 1.69 5.16
CA HIS D 147 -38.92 2.46 6.15
C HIS D 147 -39.50 3.77 5.63
N LYS D 148 -39.53 3.95 4.32
CA LYS D 148 -40.01 5.21 3.74
C LYS D 148 -41.31 5.73 4.31
N ASP D 149 -42.24 4.82 4.60
CA ASP D 149 -43.55 5.19 5.13
C ASP D 149 -43.50 5.84 6.49
N LYS D 150 -42.63 5.33 7.38
CA LYS D 150 -42.50 5.89 8.71
C LYS D 150 -41.84 7.27 8.67
N LEU D 151 -40.95 7.48 7.70
CA LEU D 151 -40.22 8.75 7.57
C LEU D 151 -41.18 9.94 7.40
N ARG D 152 -42.20 9.79 6.56
CA ARG D 152 -43.17 10.87 6.35
C ARG D 152 -43.94 11.15 7.62
N ASP D 153 -44.11 10.12 8.45
CA ASP D 153 -44.86 10.26 9.68
C ASP D 153 -43.96 10.59 10.86
N ASN D 154 -42.65 10.67 10.60
CA ASN D 154 -41.67 10.97 11.64
C ASN D 154 -41.80 12.39 12.15
N PRO D 155 -42.04 12.56 13.47
CA PRO D 155 -42.19 13.86 14.15
C PRO D 155 -40.93 14.71 14.26
N ILE D 156 -39.76 14.07 14.22
CA ILE D 156 -38.50 14.77 14.36
C ILE D 156 -37.92 15.27 13.03
N LYS D 157 -38.00 16.59 12.82
CA LYS D 157 -37.51 17.19 11.59
C LYS D 157 -36.08 16.79 11.25
N ILE D 158 -35.21 16.73 12.25
CA ILE D 158 -33.82 16.36 12.02
C ILE D 158 -33.69 14.93 11.46
N TYR D 159 -34.57 14.02 11.88
CA TYR D 159 -34.49 12.66 11.37
C TYR D 159 -35.01 12.59 9.94
N ARG D 160 -36.10 13.31 9.66
CA ARG D 160 -36.65 13.32 8.31
C ARG D 160 -35.64 13.85 7.30
N GLU D 161 -34.96 14.94 7.67
CA GLU D 161 -33.96 15.52 6.78
C GLU D 161 -32.83 14.51 6.59
N TRP D 162 -32.39 13.91 7.68
CA TRP D 162 -31.31 12.91 7.64
C TRP D 162 -31.68 11.75 6.70
N GLY D 163 -32.86 11.16 6.90
CA GLY D 163 -33.27 10.04 6.08
C GLY D 163 -33.60 10.35 4.63
N LYS D 164 -34.10 11.55 4.35
CA LYS D 164 -34.46 11.90 2.97
C LYS D 164 -33.30 11.80 2.00
N VAL D 165 -32.08 11.98 2.50
CA VAL D 165 -30.88 11.89 1.67
C VAL D 165 -30.77 10.56 0.91
N TYR D 166 -31.02 9.46 1.60
CA TYR D 166 -30.89 8.13 1.00
C TYR D 166 -32.02 7.79 0.04
N LEU D 167 -33.06 8.61 0.02
CA LEU D 167 -34.18 8.41 -0.89
C LEU D 167 -34.04 9.27 -2.14
N SER D 168 -33.10 10.23 -2.12
CA SER D 168 -32.89 11.13 -3.25
C SER D 168 -32.31 10.46 -4.48
N ASN D 169 -32.65 11.00 -5.65
CA ASN D 169 -32.14 10.45 -6.91
C ASN D 169 -30.62 10.50 -7.01
N GLU D 170 -30.01 11.50 -6.40
CA GLU D 170 -28.57 11.62 -6.47
C GLU D 170 -27.92 10.44 -5.72
N TYR D 171 -28.42 10.16 -4.53
CA TYR D 171 -27.88 9.08 -3.73
C TYR D 171 -28.13 7.77 -4.43
N LEU D 172 -29.37 7.59 -4.90
CA LEU D 172 -29.73 6.37 -5.61
C LEU D 172 -28.89 6.17 -6.85
N ASN D 173 -28.60 7.23 -7.59
CA ASN D 173 -27.78 7.12 -8.80
C ASN D 173 -26.36 6.67 -8.42
N LEU D 174 -25.87 7.14 -7.27
CA LEU D 174 -24.53 6.76 -6.83
C LEU D 174 -24.48 5.25 -6.55
N VAL D 175 -25.53 4.71 -5.93
CA VAL D 175 -25.58 3.28 -5.64
C VAL D 175 -25.62 2.55 -6.99
N GLY D 176 -26.41 3.08 -7.91
CA GLY D 176 -26.54 2.48 -9.24
C GLY D 176 -25.18 2.36 -9.92
N ARG D 177 -24.40 3.44 -9.88
CA ARG D 177 -23.07 3.43 -10.47
C ARG D 177 -22.17 2.40 -9.84
N LEU D 178 -22.13 2.38 -8.51
CA LEU D 178 -21.29 1.42 -7.81
C LEU D 178 -21.69 -0.01 -8.20
N ARG D 179 -22.98 -0.28 -8.19
CA ARG D 179 -23.47 -1.59 -8.56
C ARG D 179 -23.04 -1.91 -9.99
N LYS D 180 -23.23 -0.93 -10.89
CA LYS D 180 -22.88 -1.15 -12.30
C LYS D 180 -21.41 -1.54 -12.46
N ILE D 181 -20.50 -0.79 -11.84
CA ILE D 181 -19.06 -1.10 -11.93
C ILE D 181 -18.81 -2.56 -11.53
N ILE D 182 -19.39 -2.95 -10.40
CA ILE D 182 -19.22 -4.31 -9.92
C ILE D 182 -19.89 -5.36 -10.82
N ASP D 183 -21.12 -5.10 -11.25
CA ASP D 183 -21.83 -6.07 -12.09
C ASP D 183 -21.27 -6.20 -13.52
N SER D 184 -20.48 -5.23 -13.96
CA SER D 184 -19.91 -5.30 -15.30
C SER D 184 -18.56 -6.01 -15.30
N SER D 185 -18.19 -6.61 -14.17
CA SER D 185 -16.92 -7.30 -14.05
C SER D 185 -17.00 -8.80 -14.33
N GLY D 186 -15.86 -9.48 -14.35
CA GLY D 186 -15.82 -10.91 -14.63
C GLY D 186 -16.77 -11.78 -13.82
N HIS D 187 -16.75 -13.09 -14.06
CA HIS D 187 -17.62 -14.01 -13.32
C HIS D 187 -16.81 -14.80 -12.30
N SER D 188 -15.49 -14.73 -12.42
CA SER D 188 -14.62 -15.46 -11.52
C SER D 188 -14.45 -14.72 -10.20
N GLY D 189 -13.99 -15.46 -9.20
CA GLY D 189 -13.74 -14.88 -7.89
C GLY D 189 -14.98 -14.43 -7.14
N TYR D 190 -16.15 -14.91 -7.54
CA TYR D 190 -17.35 -14.51 -6.83
C TYR D 190 -17.26 -14.83 -5.34
N ASP D 191 -16.69 -15.98 -5.00
CA ASP D 191 -16.59 -16.38 -3.60
C ASP D 191 -15.86 -15.35 -2.75
N ARG D 192 -14.80 -14.78 -3.28
CA ARG D 192 -14.05 -13.77 -2.54
C ARG D 192 -14.97 -12.55 -2.34
N LEU D 193 -15.68 -12.17 -3.39
CA LEU D 193 -16.61 -11.05 -3.34
C LEU D 193 -17.70 -11.30 -2.29
N ARG D 194 -18.21 -12.54 -2.27
CA ARG D 194 -19.25 -12.92 -1.32
C ARG D 194 -18.79 -12.73 0.12
N ARG D 195 -17.59 -13.20 0.44
CA ARG D 195 -17.07 -13.07 1.79
C ARG D 195 -16.82 -11.59 2.15
N ILE D 196 -16.37 -10.80 1.18
CA ILE D 196 -16.13 -9.37 1.43
C ILE D 196 -17.43 -8.66 1.75
N PHE D 197 -18.47 -8.97 0.97
CA PHE D 197 -19.78 -8.33 1.13
C PHE D 197 -20.42 -8.72 2.46
N ILE D 198 -20.38 -10.01 2.78
CA ILE D 198 -20.93 -10.52 4.03
C ILE D 198 -20.28 -9.82 5.22
N THR D 199 -18.95 -9.76 5.22
CA THR D 199 -18.19 -9.11 6.28
C THR D 199 -18.62 -7.65 6.41
N GLY D 200 -18.72 -6.96 5.27
CA GLY D 200 -19.14 -5.56 5.31
C GLY D 200 -20.56 -5.44 5.86
N SER D 201 -21.43 -6.40 5.52
CA SER D 201 -22.82 -6.33 6.01
C SER D 201 -22.87 -6.57 7.54
N LYS D 202 -22.01 -7.45 8.03
CA LYS D 202 -21.99 -7.74 9.46
C LYS D 202 -21.49 -6.51 10.19
N PHE D 203 -20.54 -5.80 9.60
CA PHE D 203 -20.05 -4.58 10.22
C PHE D 203 -21.19 -3.57 10.31
N GLU D 204 -21.98 -3.41 9.26
CA GLU D 204 -23.09 -2.46 9.31
C GLU D 204 -24.00 -2.79 10.50
N LEU D 205 -24.38 -4.07 10.65
CA LEU D 205 -25.22 -4.48 11.76
C LEU D 205 -24.57 -4.15 13.12
N ALA D 206 -23.26 -4.42 13.20
CA ALA D 206 -22.49 -4.14 14.42
C ALA D 206 -22.39 -2.64 14.68
N PHE D 207 -22.27 -1.84 13.62
CA PHE D 207 -22.17 -0.39 13.79
C PHE D 207 -23.50 0.12 14.40
N TRP D 208 -24.62 -0.32 13.86
CA TRP D 208 -25.92 0.09 14.38
C TRP D 208 -26.06 -0.31 15.83
N GLU D 209 -25.57 -1.51 16.14
CA GLU D 209 -25.63 -2.03 17.50
C GLU D 209 -24.79 -1.19 18.46
N MET D 210 -23.56 -0.86 18.08
CA MET D 210 -22.73 -0.07 18.98
C MET D 210 -23.28 1.34 19.13
N ALA D 211 -23.92 1.85 18.09
CA ALA D 211 -24.51 3.19 18.14
C ALA D 211 -25.63 3.18 19.19
N TRP D 212 -26.39 2.09 19.20
CA TRP D 212 -27.50 1.92 20.11
C TRP D 212 -27.01 1.78 21.54
N ARG D 213 -25.95 1.01 21.72
CA ARG D 213 -25.39 0.79 23.05
C ARG D 213 -24.64 2.01 23.56
N GLY D 214 -24.27 2.90 22.64
CA GLY D 214 -23.51 4.08 23.02
C GLY D 214 -22.10 3.66 23.43
N GLY D 215 -21.60 2.58 22.83
CA GLY D 215 -20.28 2.09 23.15
C GLY D 215 -19.96 0.71 22.59
#